data_2F7Q
#
_entry.id   2F7Q
#
_cell.length_a   68.808
_cell.length_b   109.665
_cell.length_c   137.670
_cell.angle_alpha   90.00
_cell.angle_beta   90.00
_cell.angle_gamma   90.00
#
_symmetry.space_group_name_H-M   'P 21 21 21'
#
loop_
_entity.id
_entity.type
_entity.pdbx_description
1 polymer 'alpha-mannosidase II'
2 non-polymer 2-acetamido-2-deoxy-beta-D-glucopyranose
3 non-polymer 'ZINC ION'
4 non-polymer (1R,2R,3S,4S,5R)-5-AMINOCYCLOPENTANE-1,2,3,4-TETROL
5 non-polymer (4S)-2-METHYL-2,4-PENTANEDIOL
6 water water
#
_entity_poly.entity_id   1
_entity_poly.type   'polypeptide(L)'
_entity_poly.pdbx_seq_one_letter_code
;RSSHHHHHHGEFDDPIRPPLKVARSPRPGQCQDVVQDVPNVDVQMLELYDRMSFKDIDGGVWKQGWNIKYDPLKYNAHHK
LKVFVVPHSHNDPGWIQTFEEYYQHDTKHILSNALRHLHDNPEMKFIWAEISYFARFYHDLGENKKLQMKSIVKNGQLEF
VTGGWVMPDEANSHWRNVLLQLTEGQTWLKQFMNVTPTASWAIDPFGHSPTMPYILQKSGFKNMLIQRTHYSVKKELAQQ
RQLEFLWRQIWDNKGDTALFTHMMPFYSYDIPHTCGPDPKVCCQFDFKRMGSFGLSCPWKVPPRTISDQNVAARSDLLVD
QWKKKAELYRTNVLLIPLGDDFRFKQNTEWDVQRVNYERLFEHINSQAHFNVQAQFGTLQEYFDAVHQAERAGQAEFPTL
SGDFFTYADRSDNYWSGYYTSRPYHKRMDRVLMHYVRAAEMLSAWHSWDGMARIEERLEQARRELSLFQHHDGITGTAKT
HVVVDYEQRMQEALKACQMVMQQSVYRLLTKPSIYSPDFSFSYFTLDDSRWPGSGVEDSRTTIILGEDILPSKHVVMHNT
LPHWREQLVDFYVSSPFVSVTDLANNPVEAQVSPVWSWHHDTLTKTIHPQGSTTKYRIIFKARVPPMGLATYVLTISDSK
PEHTSYASNLLLRKNPTSLPLGQYPEDVKFGDPREISLRVGNGPTLAFSEQGLLKSIQLTQDSPHVPVHFKFLKYGVRSH
GDRSGAYLFLPNGPASPVELGQPVVLVTKGKLESSVSVGLPSVVHQTIMRGGAPEIRNLVDIGSLDNTEIVMRLETHIDS
GDIFYTDLNGLQFIKRRRLDKLPLQANYYPIPSGMFIEDANTRLTLLTGQPLGGSSLASGELEIMQDRRLASDDERGLGQ
GVLDNKPVLHIYRLVLEKVNNCVRPSKLHPAGYLTSAAHKASQSLLDPLDKFIFAENEWIGAQGQFGGDHPSAREDLDVS
VMRRLTKSSAKTQRVGYVLHRTNLMQCGTPEEHTQKLDVCHLLPNVARCERTTLTFLQNLEHLDGMVAPEVCPMETAAYV
SSHSS
;
_entity_poly.pdbx_strand_id   A
#
loop_
_chem_comp.id
_chem_comp.type
_chem_comp.name
_chem_comp.formula
AOL non-polymer (1R,2R,3S,4S,5R)-5-AMINOCYCLOPENTANE-1,2,3,4-TETROL 'C5 H11 N O4'
MPD non-polymer (4S)-2-METHYL-2,4-PENTANEDIOL 'C6 H14 O2'
NAG D-saccharide, beta linking 2-acetamido-2-deoxy-beta-D-glucopyranose 'C8 H15 N O6'
ZN non-polymer 'ZINC ION' 'Zn 2'
#
# COMPACT_ATOMS: atom_id res chain seq x y z
N CYS A 31 4.80 28.39 -0.97
CA CYS A 31 5.10 26.93 -0.69
C CYS A 31 6.21 26.80 0.33
N GLN A 32 6.01 25.95 1.32
CA GLN A 32 7.04 25.65 2.32
C GLN A 32 8.20 24.92 1.62
N ASP A 33 9.38 25.08 2.16
CA ASP A 33 10.57 24.44 1.60
C ASP A 33 10.56 23.08 2.36
N VAL A 34 10.61 21.94 1.69
CA VAL A 34 10.53 20.68 2.45
C VAL A 34 11.89 20.03 2.60
N VAL A 35 12.93 20.75 2.18
CA VAL A 35 14.28 20.20 2.24
C VAL A 35 15.22 20.83 3.26
N GLN A 36 15.20 22.16 3.30
CA GLN A 36 16.16 22.97 4.07
C GLN A 36 15.91 23.42 5.47
N ASP A 37 14.68 23.35 5.94
CA ASP A 37 14.42 23.79 7.29
C ASP A 37 14.02 22.56 8.11
N VAL A 38 14.80 22.19 9.09
CA VAL A 38 14.46 21.05 9.93
C VAL A 38 13.30 21.45 10.88
N PRO A 39 12.15 20.75 10.78
CA PRO A 39 11.08 21.15 11.71
C PRO A 39 11.48 21.06 13.15
N ASN A 40 10.99 22.01 13.96
CA ASN A 40 11.29 21.93 15.37
C ASN A 40 10.08 21.24 16.08
N VAL A 41 10.22 20.01 16.53
CA VAL A 41 9.07 19.35 17.14
C VAL A 41 9.46 18.87 18.51
N ASP A 42 8.48 18.66 19.36
CA ASP A 42 8.78 18.16 20.69
C ASP A 42 9.27 16.71 20.68
N VAL A 43 8.71 15.88 19.81
CA VAL A 43 9.11 14.48 19.72
C VAL A 43 9.40 14.17 18.26
N GLN A 44 10.63 13.74 17.96
CA GLN A 44 10.95 13.39 16.55
C GLN A 44 11.32 11.89 16.68
N MET A 45 10.57 11.02 16.03
CA MET A 45 10.75 9.63 16.32
C MET A 45 12.12 9.00 16.09
N LEU A 46 12.83 9.46 15.08
CA LEU A 46 14.17 8.91 14.83
C LEU A 46 15.10 9.36 16.01
N GLU A 47 14.90 10.61 16.49
CA GLU A 47 15.74 11.10 17.57
C GLU A 47 15.38 10.34 18.82
N LEU A 48 14.09 10.11 19.04
CA LEU A 48 13.65 9.36 20.21
C LEU A 48 14.26 7.97 20.20
N TYR A 49 14.27 7.34 19.02
CA TYR A 49 14.80 5.97 18.92
C TYR A 49 16.31 5.90 19.27
N ASP A 50 17.02 6.93 18.84
CA ASP A 50 18.48 6.97 19.07
C ASP A 50 18.75 7.01 20.60
N ARG A 51 17.89 7.72 21.33
CA ARG A 51 18.07 7.90 22.78
C ARG A 51 17.51 6.80 23.65
N MET A 52 16.40 6.21 23.26
CA MET A 52 15.74 5.17 24.08
C MET A 52 16.56 3.90 24.25
N SER A 53 16.43 3.26 25.41
CA SER A 53 17.18 2.04 25.68
C SER A 53 16.48 0.74 25.32
N PHE A 54 15.16 0.81 25.15
CA PHE A 54 14.35 -0.38 24.81
C PHE A 54 14.50 -1.54 25.79
N LYS A 55 14.78 -1.28 27.07
CA LYS A 55 14.90 -2.45 27.96
C LYS A 55 13.56 -3.04 28.21
N ASP A 56 13.43 -4.34 28.15
CA ASP A 56 12.16 -4.96 28.37
C ASP A 56 12.09 -5.42 29.86
N ILE A 57 11.75 -4.53 30.77
CA ILE A 57 11.73 -4.99 32.14
C ILE A 57 10.34 -5.21 32.57
N ASP A 58 10.18 -6.10 33.55
CA ASP A 58 8.87 -6.41 34.11
C ASP A 58 8.40 -5.21 34.88
N GLY A 59 7.36 -4.51 34.41
CA GLY A 59 6.93 -3.33 35.15
C GLY A 59 5.86 -3.60 36.20
N GLY A 60 5.54 -4.87 36.46
CA GLY A 60 4.49 -5.17 37.45
C GLY A 60 3.18 -5.58 36.75
N VAL A 61 2.03 -5.23 37.31
CA VAL A 61 0.79 -5.62 36.65
C VAL A 61 0.77 -4.97 35.24
N TRP A 62 1.33 -3.78 35.10
CA TRP A 62 1.42 -3.21 33.75
C TRP A 62 2.79 -3.75 33.37
N LYS A 63 2.78 -4.91 32.69
CA LYS A 63 4.04 -5.58 32.38
C LYS A 63 5.10 -4.76 31.66
N GLN A 64 4.63 -3.87 30.79
CA GLN A 64 5.58 -3.07 30.00
C GLN A 64 5.66 -1.64 30.40
N GLY A 65 5.07 -1.35 31.55
CA GLY A 65 5.12 0.03 32.09
C GLY A 65 5.73 0.13 33.52
N TRP A 66 5.00 0.68 34.49
CA TRP A 66 5.53 0.82 35.87
C TRP A 66 4.27 0.94 36.70
N ASN A 67 4.37 0.87 38.04
CA ASN A 67 3.21 1.00 38.92
C ASN A 67 2.78 2.46 38.94
N ILE A 68 1.66 2.76 38.29
CA ILE A 68 1.27 4.15 38.24
C ILE A 68 0.72 4.61 39.59
N LYS A 69 1.05 5.83 39.99
CA LYS A 69 0.56 6.39 41.27
C LYS A 69 -0.12 7.68 40.92
N TYR A 70 -1.13 8.06 41.69
CA TYR A 70 -1.78 9.34 41.41
C TYR A 70 -2.11 9.95 42.80
N ASP A 71 -2.35 11.25 42.79
CA ASP A 71 -2.71 11.99 43.97
C ASP A 71 -4.23 12.01 44.02
N PRO A 72 -4.82 11.34 45.03
CA PRO A 72 -6.28 11.37 45.06
C PRO A 72 -6.88 12.75 45.10
N LEU A 73 -6.10 13.75 45.48
CA LEU A 73 -6.66 15.08 45.56
C LEU A 73 -6.67 15.81 44.24
N LYS A 74 -6.15 15.19 43.19
CA LYS A 74 -6.13 15.89 41.90
C LYS A 74 -7.51 16.25 41.37
N TYR A 75 -8.45 15.35 41.61
CA TYR A 75 -9.81 15.55 41.15
C TYR A 75 -10.64 15.95 42.40
N ASN A 76 -11.58 16.86 42.24
CA ASN A 76 -12.39 17.34 43.35
C ASN A 76 -13.66 17.93 42.75
N ALA A 77 -14.55 18.48 43.57
CA ALA A 77 -15.83 19.01 43.09
C ALA A 77 -15.69 20.00 41.93
N HIS A 78 -14.62 20.76 41.90
CA HIS A 78 -14.47 21.73 40.83
C HIS A 78 -13.70 21.28 39.63
N HIS A 79 -13.19 20.05 39.73
CA HIS A 79 -12.38 19.48 38.68
C HIS A 79 -12.58 17.99 38.66
N LYS A 80 -13.61 17.53 37.99
CA LYS A 80 -13.88 16.11 37.95
C LYS A 80 -13.18 15.43 36.74
N LEU A 81 -13.07 14.11 36.82
CA LEU A 81 -12.54 13.27 35.72
C LEU A 81 -13.78 12.85 34.92
N LYS A 82 -13.87 13.30 33.65
CA LYS A 82 -14.98 12.92 32.79
C LYS A 82 -14.51 11.67 32.08
N VAL A 83 -15.28 10.59 32.20
CA VAL A 83 -14.84 9.33 31.59
C VAL A 83 -15.82 8.98 30.48
N PHE A 84 -15.32 8.69 29.26
CA PHE A 84 -16.18 8.24 28.18
C PHE A 84 -15.88 6.77 27.86
N VAL A 85 -16.85 5.89 28.08
CA VAL A 85 -16.71 4.43 27.78
C VAL A 85 -17.26 4.29 26.39
N VAL A 86 -16.41 3.83 25.49
CA VAL A 86 -16.82 3.84 24.06
C VAL A 86 -16.96 2.38 23.55
N PRO A 87 -18.19 1.88 23.44
CA PRO A 87 -18.40 0.49 22.95
C PRO A 87 -18.00 0.33 21.49
N HIS A 88 -17.39 -0.80 21.15
CA HIS A 88 -16.91 -1.00 19.75
C HIS A 88 -16.78 -2.47 19.45
N SER A 89 -16.65 -2.80 18.16
CA SER A 89 -16.56 -4.20 17.79
C SER A 89 -15.62 -4.23 16.62
N HIS A 90 -14.46 -4.86 16.81
CA HIS A 90 -13.46 -4.96 15.72
C HIS A 90 -13.84 -6.06 14.74
N ASN A 91 -14.25 -5.65 13.53
CA ASN A 91 -14.68 -6.61 12.52
C ASN A 91 -13.73 -6.65 11.33
N ASP A 92 -12.96 -7.72 11.24
CA ASP A 92 -12.02 -7.84 10.12
C ASP A 92 -12.73 -8.27 8.82
N PRO A 93 -12.57 -7.51 7.73
CA PRO A 93 -13.17 -7.84 6.40
C PRO A 93 -12.31 -8.98 5.85
N GLY A 94 -12.32 -10.11 6.58
CA GLY A 94 -11.54 -11.27 6.19
C GLY A 94 -10.31 -11.43 7.11
N TRP A 95 -10.07 -12.65 7.56
CA TRP A 95 -8.88 -12.95 8.37
C TRP A 95 -8.82 -14.50 8.52
N ILE A 96 -9.53 -15.00 9.53
CA ILE A 96 -9.67 -16.47 9.79
C ILE A 96 -10.83 -17.03 8.96
N GLN A 97 -11.76 -16.16 8.58
CA GLN A 97 -12.87 -16.48 7.70
C GLN A 97 -12.86 -15.47 6.54
N THR A 98 -13.56 -15.74 5.46
CA THR A 98 -13.63 -14.72 4.39
C THR A 98 -14.61 -13.59 4.81
N PHE A 99 -14.56 -12.48 4.09
CA PHE A 99 -15.48 -11.41 4.31
C PHE A 99 -16.91 -11.93 4.38
N GLU A 100 -17.32 -12.69 3.36
CA GLU A 100 -18.71 -13.18 3.37
C GLU A 100 -19.02 -14.16 4.48
N GLU A 101 -18.06 -15.02 4.83
CA GLU A 101 -18.31 -15.98 5.95
C GLU A 101 -18.47 -15.19 7.29
N TYR A 102 -17.58 -14.23 7.54
CA TYR A 102 -17.76 -13.40 8.76
C TYR A 102 -19.10 -12.64 8.71
N TYR A 103 -19.41 -12.08 7.54
CA TYR A 103 -20.65 -11.34 7.48
C TYR A 103 -21.85 -12.22 7.87
N GLN A 104 -21.90 -13.42 7.31
CA GLN A 104 -23.01 -14.34 7.56
C GLN A 104 -23.01 -14.87 8.97
N HIS A 105 -21.84 -15.20 9.48
CA HIS A 105 -21.77 -15.82 10.83
C HIS A 105 -21.75 -14.87 11.98
N ASP A 106 -21.20 -13.66 11.75
CA ASP A 106 -21.07 -12.70 12.83
C ASP A 106 -21.54 -11.28 12.64
N THR A 107 -20.97 -10.61 11.62
CA THR A 107 -21.23 -9.20 11.46
C THR A 107 -22.70 -8.81 11.18
N LYS A 108 -23.42 -9.62 10.43
CA LYS A 108 -24.81 -9.15 10.16
C LYS A 108 -25.58 -9.23 11.46
N HIS A 109 -25.20 -10.15 12.35
CA HIS A 109 -25.90 -10.26 13.64
C HIS A 109 -25.47 -9.13 14.55
N ILE A 110 -24.17 -8.78 14.51
CA ILE A 110 -23.71 -7.65 15.32
C ILE A 110 -24.44 -6.38 14.89
N LEU A 111 -24.53 -6.15 13.60
CA LEU A 111 -25.21 -4.91 13.19
C LEU A 111 -26.69 -4.92 13.42
N SER A 112 -27.28 -6.07 13.18
CA SER A 112 -28.73 -6.18 13.42
C SER A 112 -29.03 -5.95 14.93
N ASN A 113 -28.24 -6.54 15.83
CA ASN A 113 -28.47 -6.34 17.26
C ASN A 113 -28.06 -4.97 17.71
N ALA A 114 -27.02 -4.37 17.09
CA ALA A 114 -26.73 -2.96 17.42
C ALA A 114 -27.93 -2.08 17.08
N LEU A 115 -28.54 -2.29 15.91
CA LEU A 115 -29.67 -1.47 15.52
C LEU A 115 -30.80 -1.55 16.59
N ARG A 116 -31.14 -2.78 16.93
CA ARG A 116 -32.19 -2.99 17.92
C ARG A 116 -31.81 -2.44 19.31
N HIS A 117 -30.61 -2.77 19.80
CA HIS A 117 -30.25 -2.32 21.12
C HIS A 117 -30.06 -0.84 21.28
N LEU A 118 -29.48 -0.18 20.28
CA LEU A 118 -29.34 1.26 20.35
C LEU A 118 -30.76 1.89 20.20
N HIS A 119 -31.56 1.38 19.30
CA HIS A 119 -32.88 1.97 19.15
C HIS A 119 -33.59 1.96 20.52
N ASP A 120 -33.54 0.83 21.19
CA ASP A 120 -34.23 0.65 22.48
C ASP A 120 -33.62 1.26 23.74
N ASN A 121 -32.35 1.71 23.69
CA ASN A 121 -31.62 2.22 24.86
C ASN A 121 -30.94 3.50 24.42
N PRO A 122 -31.66 4.63 24.49
CA PRO A 122 -31.20 5.94 24.06
C PRO A 122 -29.86 6.38 24.50
N GLU A 123 -29.40 5.96 25.67
CA GLU A 123 -28.09 6.43 26.10
C GLU A 123 -26.92 5.54 25.70
N MET A 124 -27.20 4.35 25.17
CA MET A 124 -26.13 3.44 24.78
C MET A 124 -25.54 3.99 23.46
N LYS A 125 -24.23 3.79 23.28
CA LYS A 125 -23.50 4.28 22.11
C LYS A 125 -22.70 3.20 21.46
N PHE A 126 -22.24 3.43 20.22
CA PHE A 126 -21.43 2.39 19.60
C PHE A 126 -20.71 3.07 18.44
N ILE A 127 -19.45 2.68 18.19
CA ILE A 127 -18.75 3.22 17.06
C ILE A 127 -18.51 2.12 16.05
N TRP A 128 -18.54 2.50 14.77
CA TRP A 128 -18.36 1.52 13.71
C TRP A 128 -17.30 2.02 12.72
N ALA A 129 -16.34 1.15 12.40
CA ALA A 129 -15.25 1.57 11.48
C ALA A 129 -15.30 1.06 10.05
N GLU A 130 -15.70 -0.20 9.87
CA GLU A 130 -15.56 -0.87 8.54
C GLU A 130 -16.79 -0.71 7.64
N ILE A 131 -16.71 0.22 6.70
CA ILE A 131 -17.89 0.47 5.86
C ILE A 131 -18.21 -0.66 4.88
N SER A 132 -17.20 -1.45 4.45
CA SER A 132 -17.45 -2.56 3.54
C SER A 132 -18.58 -3.43 4.17
N TYR A 133 -18.45 -3.73 5.44
CA TYR A 133 -19.47 -4.55 6.13
C TYR A 133 -20.76 -3.75 6.30
N PHE A 134 -20.66 -2.49 6.65
CA PHE A 134 -21.87 -1.72 6.90
C PHE A 134 -22.71 -1.59 5.63
N ALA A 135 -22.04 -1.35 4.49
CA ALA A 135 -22.81 -1.17 3.28
C ALA A 135 -23.50 -2.52 2.90
N ARG A 136 -22.79 -3.61 3.08
CA ARG A 136 -23.28 -4.98 2.78
C ARG A 136 -24.59 -5.22 3.59
N PHE A 137 -24.55 -4.80 4.86
CA PHE A 137 -25.69 -4.97 5.77
C PHE A 137 -26.87 -4.08 5.38
N TYR A 138 -26.57 -2.78 5.29
CA TYR A 138 -27.54 -1.79 5.01
C TYR A 138 -28.29 -2.06 3.73
N HIS A 139 -27.63 -2.52 2.68
CA HIS A 139 -28.39 -2.72 1.49
C HIS A 139 -29.32 -3.90 1.60
N ASP A 140 -29.06 -4.78 2.55
CA ASP A 140 -29.97 -5.94 2.78
C ASP A 140 -31.16 -5.62 3.72
N LEU A 141 -31.13 -4.46 4.38
CA LEU A 141 -32.19 -4.04 5.31
C LEU A 141 -33.45 -3.61 4.62
N GLY A 142 -34.59 -3.87 5.23
CA GLY A 142 -35.80 -3.38 4.60
C GLY A 142 -35.88 -1.88 4.91
N GLU A 143 -36.75 -1.18 4.20
CA GLU A 143 -36.89 0.25 4.34
C GLU A 143 -37.19 0.73 5.77
N ASN A 144 -37.96 -0.02 6.51
CA ASN A 144 -38.30 0.45 7.86
C ASN A 144 -37.02 0.47 8.76
N LYS A 145 -36.20 -0.57 8.62
CA LYS A 145 -34.96 -0.69 9.39
C LYS A 145 -33.92 0.33 8.86
N LYS A 146 -33.91 0.61 7.55
CA LYS A 146 -32.92 1.60 7.03
C LYS A 146 -33.26 2.93 7.70
N LEU A 147 -34.55 3.20 7.88
CA LEU A 147 -34.94 4.45 8.51
C LEU A 147 -34.56 4.43 10.03
N GLN A 148 -34.77 3.32 10.72
CA GLN A 148 -34.35 3.31 12.11
C GLN A 148 -32.81 3.48 12.24
N MET A 149 -32.05 2.94 11.29
CA MET A 149 -30.56 3.02 11.36
C MET A 149 -30.17 4.44 11.10
N LYS A 150 -30.82 5.10 10.13
CA LYS A 150 -30.43 6.49 9.85
C LYS A 150 -30.72 7.35 11.05
N SER A 151 -31.79 7.00 11.78
CA SER A 151 -32.15 7.81 12.93
C SER A 151 -31.16 7.66 14.09
N ILE A 152 -30.64 6.46 14.33
CA ILE A 152 -29.69 6.33 15.42
C ILE A 152 -28.34 6.90 15.03
N VAL A 153 -28.09 7.06 13.74
CA VAL A 153 -26.79 7.69 13.37
C VAL A 153 -27.00 9.19 13.50
N LYS A 154 -28.17 9.64 13.01
CA LYS A 154 -28.47 11.06 13.04
C LYS A 154 -28.46 11.61 14.46
N ASN A 155 -29.02 10.86 15.41
CA ASN A 155 -29.05 11.27 16.82
C ASN A 155 -27.72 11.06 17.57
N GLY A 156 -26.69 10.53 16.91
CA GLY A 156 -25.40 10.32 17.61
C GLY A 156 -25.16 9.09 18.45
N GLN A 157 -26.07 8.11 18.41
CA GLN A 157 -25.83 6.92 19.20
C GLN A 157 -24.87 5.97 18.46
N LEU A 158 -25.01 5.88 17.15
CA LEU A 158 -24.09 5.00 16.39
C LEU A 158 -23.22 5.99 15.58
N GLU A 159 -21.91 5.92 15.80
CA GLU A 159 -21.06 6.88 15.11
C GLU A 159 -20.00 6.14 14.31
N PHE A 160 -19.84 6.56 13.06
CA PHE A 160 -18.82 5.97 12.21
C PHE A 160 -17.52 6.67 12.52
N VAL A 161 -16.48 5.86 12.63
CA VAL A 161 -15.16 6.36 12.92
C VAL A 161 -14.34 6.02 11.69
N THR A 162 -13.57 7.00 11.22
CA THR A 162 -12.79 6.87 9.96
C THR A 162 -13.76 6.76 8.78
N GLY A 163 -14.52 5.70 8.65
CA GLY A 163 -15.45 5.68 7.54
C GLY A 163 -14.84 5.13 6.26
N GLY A 164 -13.68 4.47 6.34
CA GLY A 164 -13.12 3.86 5.13
C GLY A 164 -13.76 2.51 4.86
N TRP A 165 -13.59 2.00 3.62
CA TRP A 165 -14.13 0.68 3.31
C TRP A 165 -13.59 -0.35 4.36
N VAL A 166 -12.34 -0.16 4.76
CA VAL A 166 -11.68 -1.02 5.75
C VAL A 166 -10.86 -0.13 6.73
N MET A 167 -10.13 -0.77 7.66
CA MET A 167 -9.14 -0.09 8.55
C MET A 167 -7.88 -0.68 7.84
N PRO A 168 -7.25 0.09 6.97
CA PRO A 168 -6.14 -0.51 6.27
C PRO A 168 -4.83 -0.75 6.98
N ASP A 169 -4.06 -1.65 6.37
CA ASP A 169 -2.68 -1.83 6.75
C ASP A 169 -2.07 -0.46 6.49
N GLU A 170 -1.03 -0.10 7.24
CA GLU A 170 -0.38 1.17 7.02
C GLU A 170 1.06 0.98 6.57
N ALA A 171 1.48 -0.28 6.51
CA ALA A 171 2.86 -0.53 6.10
C ALA A 171 3.06 -0.77 4.63
N ASN A 172 2.29 -1.70 4.10
CA ASN A 172 2.45 -2.08 2.71
C ASN A 172 1.56 -1.31 1.75
N SER A 173 0.53 -0.69 2.27
CA SER A 173 -0.45 -0.07 1.37
C SER A 173 0.09 1.16 0.68
N HIS A 174 -0.32 1.35 -0.58
CA HIS A 174 0.10 2.58 -1.29
C HIS A 174 -0.88 3.71 -0.86
N TRP A 175 -0.38 4.93 -0.71
CA TRP A 175 -1.23 6.02 -0.26
C TRP A 175 -2.40 6.18 -1.22
N ARG A 176 -2.18 5.89 -2.51
CA ARG A 176 -3.29 6.07 -3.45
C ARG A 176 -4.45 5.10 -3.08
N ASN A 177 -4.12 3.87 -2.66
CA ASN A 177 -5.18 2.90 -2.30
C ASN A 177 -5.74 3.21 -0.91
N VAL A 178 -4.92 3.83 -0.06
CA VAL A 178 -5.45 4.20 1.26
C VAL A 178 -6.55 5.30 0.96
N LEU A 179 -6.24 6.26 0.08
CA LEU A 179 -7.22 7.24 -0.27
C LEU A 179 -8.42 6.60 -1.01
N LEU A 180 -8.17 5.62 -1.90
CA LEU A 180 -9.30 5.05 -2.64
C LEU A 180 -10.28 4.40 -1.66
N GLN A 181 -9.76 3.63 -0.67
CA GLN A 181 -10.68 2.91 0.20
C GLN A 181 -11.36 3.88 1.15
N LEU A 182 -10.65 4.93 1.57
CA LEU A 182 -11.26 5.92 2.46
C LEU A 182 -12.42 6.58 1.69
N THR A 183 -12.15 6.92 0.43
CA THR A 183 -13.13 7.56 -0.40
C THR A 183 -14.31 6.60 -0.66
N GLU A 184 -14.03 5.34 -0.92
CA GLU A 184 -15.15 4.43 -1.21
C GLU A 184 -16.11 4.37 0.03
N GLY A 185 -15.58 4.22 1.20
CA GLY A 185 -16.46 4.18 2.37
C GLY A 185 -17.08 5.53 2.69
N GLN A 186 -16.31 6.62 2.59
CA GLN A 186 -16.96 7.89 2.93
C GLN A 186 -18.01 8.36 1.87
N THR A 187 -17.82 8.00 0.61
CA THR A 187 -18.79 8.41 -0.37
C THR A 187 -20.08 7.64 -0.09
N TRP A 188 -19.96 6.38 0.27
CA TRP A 188 -21.14 5.61 0.60
C TRP A 188 -21.79 6.27 1.84
N LEU A 189 -21.01 6.54 2.91
CA LEU A 189 -21.62 7.18 4.11
C LEU A 189 -22.30 8.53 3.79
N LYS A 190 -21.69 9.35 2.95
CA LYS A 190 -22.36 10.63 2.69
C LYS A 190 -23.69 10.40 1.94
N GLN A 191 -23.69 9.52 0.98
CA GLN A 191 -24.87 9.26 0.19
C GLN A 191 -25.98 8.63 0.97
N PHE A 192 -25.67 7.63 1.77
CA PHE A 192 -26.74 6.94 2.46
C PHE A 192 -27.00 7.29 3.91
N MET A 193 -25.99 7.76 4.64
CA MET A 193 -26.11 8.09 6.07
C MET A 193 -25.99 9.58 6.32
N ASN A 194 -25.68 10.31 5.25
CA ASN A 194 -25.52 11.77 5.33
C ASN A 194 -24.53 12.22 6.44
N VAL A 195 -23.41 11.50 6.58
CA VAL A 195 -22.43 11.88 7.60
C VAL A 195 -21.03 11.65 7.02
N THR A 196 -20.08 12.46 7.46
CA THR A 196 -18.67 12.32 7.08
C THR A 196 -17.85 12.36 8.38
N PRO A 197 -17.27 11.22 8.80
CA PRO A 197 -16.48 11.17 10.01
C PRO A 197 -15.31 12.13 9.98
N THR A 198 -14.98 12.76 11.11
CA THR A 198 -13.82 13.65 11.15
C THR A 198 -12.87 13.10 12.21
N ALA A 199 -13.20 11.95 12.83
CA ALA A 199 -12.28 11.33 13.76
C ALA A 199 -11.99 9.89 13.19
N SER A 200 -10.73 9.47 13.27
CA SER A 200 -10.30 8.17 12.76
C SER A 200 -9.93 7.23 13.90
N TRP A 201 -10.17 5.92 13.73
CA TRP A 201 -9.98 4.92 14.75
C TRP A 201 -9.18 3.81 14.07
N ALA A 202 -7.90 3.63 14.42
CA ALA A 202 -7.09 2.59 13.79
C ALA A 202 -6.48 1.78 14.92
N ILE A 203 -7.24 0.83 15.47
CA ILE A 203 -6.77 0.07 16.62
C ILE A 203 -5.98 -1.18 16.30
N ASP A 204 -5.90 -1.57 15.02
CA ASP A 204 -5.26 -2.85 14.73
C ASP A 204 -4.14 -2.93 13.69
N PRO A 205 -3.94 -1.89 12.80
CA PRO A 205 -2.79 -2.06 11.82
C PRO A 205 -1.50 -2.32 12.64
N PHE A 206 -0.55 -3.11 12.10
CA PHE A 206 0.63 -3.54 12.89
C PHE A 206 1.74 -2.48 12.77
N GLY A 207 1.56 -1.38 13.49
CA GLY A 207 2.51 -0.27 13.32
C GLY A 207 1.70 0.78 12.54
N HIS A 208 2.06 2.08 12.69
CA HIS A 208 1.35 3.21 12.11
C HIS A 208 2.21 4.17 11.31
N SER A 209 1.63 4.68 10.26
CA SER A 209 2.33 5.55 9.34
C SER A 209 1.80 6.96 9.33
N PRO A 210 2.69 7.97 9.19
CA PRO A 210 2.24 9.39 9.15
C PRO A 210 1.50 9.64 7.85
N THR A 211 1.54 8.68 6.89
CA THR A 211 0.72 8.87 5.71
C THR A 211 -0.78 8.98 6.10
N MET A 212 -1.15 8.38 7.22
CA MET A 212 -2.58 8.43 7.60
C MET A 212 -3.00 9.89 7.98
N PRO A 213 -2.32 10.53 8.95
CA PRO A 213 -2.70 11.90 9.28
C PRO A 213 -2.57 12.78 8.02
N TYR A 214 -1.58 12.50 7.16
CA TYR A 214 -1.44 13.28 5.92
C TYR A 214 -2.75 13.29 5.08
N ILE A 215 -3.23 12.10 4.76
CA ILE A 215 -4.45 11.99 3.96
C ILE A 215 -5.69 12.46 4.76
N LEU A 216 -5.76 12.08 6.02
CA LEU A 216 -6.94 12.43 6.80
C LEU A 216 -7.07 13.93 6.97
N GLN A 217 -5.97 14.62 7.27
CA GLN A 217 -6.09 16.05 7.52
C GLN A 217 -6.50 16.76 6.21
N LYS A 218 -6.17 16.17 5.05
CA LYS A 218 -6.55 16.77 3.75
C LYS A 218 -7.92 16.24 3.33
N SER A 219 -8.58 15.50 4.22
CA SER A 219 -9.88 14.92 3.95
C SER A 219 -10.89 15.35 5.04
N GLY A 220 -10.61 16.52 5.65
CA GLY A 220 -11.52 17.07 6.64
C GLY A 220 -11.38 16.60 8.08
N PHE A 221 -10.49 15.66 8.34
CA PHE A 221 -10.39 15.13 9.71
C PHE A 221 -9.78 16.11 10.70
N LYS A 222 -10.14 15.95 11.97
CA LYS A 222 -9.63 16.81 13.04
C LYS A 222 -8.94 16.01 14.09
N ASN A 223 -9.19 14.70 14.11
CA ASN A 223 -8.58 13.83 15.14
C ASN A 223 -8.35 12.38 14.66
N MET A 224 -7.40 11.67 15.27
CA MET A 224 -7.18 10.27 14.93
C MET A 224 -6.64 9.54 16.19
N LEU A 225 -6.89 8.22 16.20
CA LEU A 225 -6.46 7.37 17.28
C LEU A 225 -5.68 6.17 16.74
N ILE A 226 -4.58 5.78 17.39
CA ILE A 226 -3.77 4.64 16.97
C ILE A 226 -3.45 3.78 18.18
N GLN A 227 -3.08 2.52 17.98
CA GLN A 227 -2.83 1.60 19.09
C GLN A 227 -1.55 0.77 18.99
N ARG A 228 -1.29 0.13 17.83
CA ARG A 228 -0.18 -0.76 17.85
C ARG A 228 1.15 -0.08 17.62
N THR A 229 1.81 0.33 18.70
CA THR A 229 3.11 0.94 18.61
C THR A 229 3.94 0.16 19.60
N HIS A 230 5.24 0.13 19.35
CA HIS A 230 6.21 -0.59 20.20
C HIS A 230 5.97 -0.37 21.68
N TYR A 231 6.05 -1.44 22.49
CA TYR A 231 5.79 -1.25 23.90
C TYR A 231 6.76 -0.23 24.54
N SER A 232 7.98 -0.18 24.06
CA SER A 232 8.93 0.79 24.60
C SER A 232 8.52 2.22 24.30
N VAL A 233 7.91 2.48 23.12
CA VAL A 233 7.46 3.81 22.78
C VAL A 233 6.25 4.23 23.67
N LYS A 234 5.34 3.30 23.88
CA LYS A 234 4.20 3.59 24.79
C LYS A 234 4.76 3.98 26.16
N LYS A 235 5.73 3.21 26.66
CA LYS A 235 6.30 3.54 28.01
C LYS A 235 6.94 4.90 28.00
N GLU A 236 7.81 5.16 27.03
CA GLU A 236 8.48 6.46 26.94
C GLU A 236 7.49 7.65 26.81
N LEU A 237 6.52 7.60 25.87
CA LEU A 237 5.62 8.71 25.78
C LEU A 237 4.72 8.80 27.00
N ALA A 238 4.31 7.66 27.54
CA ALA A 238 3.46 7.75 28.70
C ALA A 238 4.14 8.52 29.85
N GLN A 239 5.43 8.24 30.08
CA GLN A 239 6.16 8.90 31.18
C GLN A 239 6.22 10.42 30.97
N GLN A 240 6.15 10.91 29.73
CA GLN A 240 6.18 12.36 29.53
C GLN A 240 4.79 12.91 29.19
N ARG A 241 3.76 12.07 29.35
CA ARG A 241 2.42 12.48 28.91
C ARG A 241 2.43 13.05 27.52
N GLN A 242 3.08 12.29 26.63
CA GLN A 242 3.11 12.65 25.17
C GLN A 242 2.35 11.59 24.30
N LEU A 243 1.30 10.93 24.87
CA LEU A 243 0.51 9.96 24.15
C LEU A 243 -0.49 10.67 23.29
N GLU A 244 -0.73 11.97 23.55
CA GLU A 244 -1.58 12.74 22.67
C GLU A 244 -0.66 13.80 22.12
N PHE A 245 -0.64 13.95 20.79
CA PHE A 245 0.29 14.88 20.17
C PHE A 245 -0.26 15.39 18.83
N LEU A 246 0.28 16.49 18.33
CA LEU A 246 -0.14 17.01 17.07
C LEU A 246 0.88 16.41 16.10
N TRP A 247 0.45 15.39 15.37
CA TRP A 247 1.34 14.67 14.45
C TRP A 247 1.47 15.39 13.10
N ARG A 248 2.66 15.94 12.84
CA ARG A 248 2.83 16.61 11.57
C ARG A 248 3.81 15.77 10.76
N GLN A 249 3.87 16.03 9.47
CA GLN A 249 4.78 15.35 8.55
C GLN A 249 6.23 15.74 8.87
N ILE A 250 7.13 14.81 8.61
CA ILE A 250 8.53 15.03 8.98
C ILE A 250 9.18 16.25 8.33
N TRP A 251 8.66 16.68 7.18
CA TRP A 251 9.25 17.84 6.50
C TRP A 251 8.48 19.15 6.77
N ASP A 252 7.42 19.08 7.56
CA ASP A 252 6.55 20.22 7.75
C ASP A 252 7.01 21.22 8.81
N ASN A 253 7.64 22.31 8.37
CA ASN A 253 8.20 23.23 9.33
C ASN A 253 7.13 24.09 10.00
N LYS A 254 6.09 24.43 9.27
CA LYS A 254 5.04 25.33 9.79
C LYS A 254 4.04 24.59 10.68
N GLY A 255 3.79 23.34 10.33
CA GLY A 255 2.84 22.61 11.15
C GLY A 255 1.44 22.56 10.56
N ASP A 256 1.25 23.04 9.33
CA ASP A 256 -0.11 22.98 8.79
C ASP A 256 -0.60 21.55 8.48
N THR A 257 0.28 20.56 8.42
CA THR A 257 -0.26 19.22 8.18
C THR A 257 -0.69 18.52 9.46
N ALA A 258 -0.45 19.16 10.61
CA ALA A 258 -0.72 18.54 11.91
C ALA A 258 -2.12 18.04 12.13
N LEU A 259 -2.22 16.85 12.74
CA LEU A 259 -3.51 16.22 13.06
C LEU A 259 -3.39 15.72 14.49
N PHE A 260 -4.34 16.11 15.35
CA PHE A 260 -4.26 15.69 16.73
C PHE A 260 -4.40 14.17 16.77
N THR A 261 -3.52 13.48 17.49
CA THR A 261 -3.50 12.07 17.50
C THR A 261 -3.49 11.56 18.96
N HIS A 262 -4.28 10.52 19.24
CA HIS A 262 -4.28 9.89 20.56
C HIS A 262 -3.73 8.50 20.37
N MET A 263 -2.64 8.15 21.07
CA MET A 263 -2.09 6.81 21.05
C MET A 263 -2.59 6.12 22.34
N MET A 264 -3.16 4.92 22.19
CA MET A 264 -3.62 4.17 23.34
C MET A 264 -2.34 3.69 24.05
N PRO A 265 -2.38 3.62 25.38
CA PRO A 265 -1.18 3.22 26.15
C PRO A 265 -0.77 1.84 26.42
N PHE A 266 -1.71 0.92 26.31
CA PHE A 266 -1.46 -0.43 26.67
C PHE A 266 -1.23 -1.47 25.58
N TYR A 267 -1.13 -2.70 26.00
CA TYR A 267 -0.72 -3.79 25.08
C TYR A 267 -1.77 -4.19 24.03
N SER A 268 -3.04 -3.95 24.34
CA SER A 268 -4.09 -4.38 23.42
C SER A 268 -5.25 -3.44 23.47
N TYR A 269 -6.16 -3.51 22.48
CA TYR A 269 -7.39 -2.72 22.56
C TYR A 269 -8.50 -3.57 23.25
N ASP A 270 -8.21 -4.79 23.71
CA ASP A 270 -9.32 -5.56 24.33
C ASP A 270 -9.69 -4.97 25.71
N ILE A 271 -10.73 -5.50 26.32
CA ILE A 271 -11.17 -4.87 27.56
C ILE A 271 -10.11 -4.98 28.67
N PRO A 272 -9.46 -6.13 28.87
CA PRO A 272 -8.43 -6.22 29.93
C PRO A 272 -7.33 -5.17 29.78
N HIS A 273 -7.13 -4.62 28.58
CA HIS A 273 -6.05 -3.65 28.40
C HIS A 273 -6.54 -2.26 28.05
N THR A 274 -7.80 -1.98 28.40
CA THR A 274 -8.29 -0.65 28.11
C THR A 274 -8.94 0.04 29.32
N CYS A 275 -9.19 -0.65 30.44
CA CYS A 275 -9.81 0.11 31.56
C CYS A 275 -8.71 0.80 32.40
N GLY A 276 -7.49 0.27 32.31
CA GLY A 276 -6.37 0.79 33.08
C GLY A 276 -5.17 -0.12 33.01
N PRO A 277 -4.10 0.11 33.83
CA PRO A 277 -2.86 -0.68 33.84
C PRO A 277 -2.85 -2.13 34.22
N ASP A 278 -3.89 -2.58 34.91
CA ASP A 278 -3.89 -3.94 35.42
C ASP A 278 -4.90 -4.81 34.76
N PRO A 279 -4.46 -5.69 33.81
CA PRO A 279 -5.44 -6.55 33.12
C PRO A 279 -6.20 -7.50 34.01
N LYS A 280 -5.59 -7.92 35.13
CA LYS A 280 -6.28 -8.83 36.03
C LYS A 280 -7.49 -8.12 36.60
N VAL A 281 -7.41 -6.80 36.77
CA VAL A 281 -8.60 -6.08 37.27
C VAL A 281 -9.53 -5.73 36.10
N CYS A 282 -9.00 -5.17 35.00
CA CYS A 282 -9.88 -4.81 33.89
C CYS A 282 -10.70 -6.00 33.30
N CYS A 283 -10.11 -7.19 33.33
CA CYS A 283 -10.75 -8.34 32.81
C CYS A 283 -12.07 -8.61 33.55
N GLN A 284 -12.10 -8.21 34.82
CA GLN A 284 -13.31 -8.37 35.60
C GLN A 284 -14.39 -7.42 35.13
N PHE A 285 -14.06 -6.48 34.24
CA PHE A 285 -15.07 -5.58 33.75
C PHE A 285 -15.46 -5.80 32.28
N ASP A 286 -15.15 -7.00 31.78
CA ASP A 286 -15.61 -7.46 30.48
C ASP A 286 -16.70 -8.46 30.88
N PHE A 287 -17.96 -8.02 30.91
CA PHE A 287 -18.99 -8.91 31.36
C PHE A 287 -19.34 -10.06 30.45
N LYS A 288 -18.69 -10.12 29.28
CA LYS A 288 -18.90 -11.28 28.44
C LYS A 288 -18.04 -12.44 28.94
N ARG A 289 -17.21 -12.28 29.97
CA ARG A 289 -16.36 -13.40 30.35
C ARG A 289 -16.79 -14.19 31.60
N MET A 290 -18.07 -14.34 31.86
CA MET A 290 -18.38 -15.06 33.11
C MET A 290 -18.60 -16.59 32.93
N GLY A 291 -18.59 -17.06 31.65
CA GLY A 291 -18.71 -18.49 31.36
C GLY A 291 -19.68 -18.97 30.25
N SER A 292 -20.93 -18.46 30.26
CA SER A 292 -21.91 -18.89 29.29
C SER A 292 -21.55 -18.56 27.82
N PHE A 293 -20.66 -17.58 27.61
CA PHE A 293 -20.21 -17.19 26.28
C PHE A 293 -18.96 -17.95 25.86
N GLY A 294 -18.49 -18.88 26.69
CA GLY A 294 -17.28 -19.59 26.35
C GLY A 294 -16.02 -18.74 26.52
N LEU A 295 -16.08 -17.63 27.26
CA LEU A 295 -14.88 -16.82 27.45
C LEU A 295 -14.54 -16.76 28.92
N SER A 296 -13.28 -16.49 29.25
CA SER A 296 -12.90 -16.42 30.67
C SER A 296 -11.74 -15.44 30.79
N CYS A 297 -11.28 -15.14 32.03
CA CYS A 297 -10.15 -14.21 32.26
C CYS A 297 -8.86 -15.02 32.49
N PRO A 298 -7.87 -14.86 31.62
CA PRO A 298 -6.67 -15.67 31.89
C PRO A 298 -5.96 -15.33 33.20
N TRP A 299 -6.26 -14.15 33.78
CA TRP A 299 -5.63 -13.77 35.06
C TRP A 299 -6.31 -14.50 36.21
N LYS A 300 -7.24 -15.41 35.88
CA LYS A 300 -7.92 -16.25 36.89
C LYS A 300 -8.91 -15.60 37.86
N VAL A 301 -9.28 -14.34 37.64
CA VAL A 301 -10.30 -13.69 38.46
C VAL A 301 -11.39 -13.29 37.44
N PRO A 302 -12.60 -13.86 37.60
CA PRO A 302 -13.70 -13.59 36.68
C PRO A 302 -14.48 -12.37 36.93
N PRO A 303 -15.22 -11.86 35.89
CA PRO A 303 -16.04 -10.68 36.17
C PRO A 303 -17.15 -11.22 37.09
N ARG A 304 -17.74 -10.34 37.86
CA ARG A 304 -18.90 -10.69 38.69
C ARG A 304 -19.99 -9.68 38.41
N THR A 305 -21.22 -10.15 38.32
CA THR A 305 -22.35 -9.30 38.05
C THR A 305 -22.42 -8.18 39.08
N ILE A 306 -22.62 -6.95 38.62
CA ILE A 306 -22.68 -5.82 39.52
C ILE A 306 -24.00 -5.81 40.26
N SER A 307 -23.97 -5.62 41.60
CA SER A 307 -25.21 -5.56 42.40
C SER A 307 -25.09 -4.41 43.37
N ASP A 308 -26.17 -4.14 44.10
CA ASP A 308 -26.08 -3.08 45.10
C ASP A 308 -25.10 -3.43 46.21
N GLN A 309 -24.86 -4.73 46.46
CA GLN A 309 -23.90 -5.15 47.50
C GLN A 309 -22.46 -5.09 47.10
N ASN A 310 -22.15 -5.13 45.80
CA ASN A 310 -20.75 -5.11 45.47
C ASN A 310 -20.33 -3.88 44.67
N VAL A 311 -21.31 -3.07 44.27
CA VAL A 311 -21.04 -1.90 43.40
C VAL A 311 -20.04 -0.92 43.99
N ALA A 312 -20.02 -0.72 45.33
CA ALA A 312 -19.05 0.24 45.87
C ALA A 312 -17.66 -0.32 45.75
N ALA A 313 -17.48 -1.61 46.06
CA ALA A 313 -16.14 -2.23 45.96
C ALA A 313 -15.68 -2.34 44.49
N ARG A 314 -16.61 -2.72 43.63
CA ARG A 314 -16.25 -2.87 42.16
C ARG A 314 -15.88 -1.48 41.62
N SER A 315 -16.66 -0.46 41.97
CA SER A 315 -16.39 0.94 41.51
C SER A 315 -15.06 1.39 42.06
N ASP A 316 -14.78 1.11 43.33
CA ASP A 316 -13.49 1.55 43.86
C ASP A 316 -12.35 0.93 43.05
N LEU A 317 -12.46 -0.34 42.69
CA LEU A 317 -11.43 -0.96 41.83
C LEU A 317 -11.36 -0.30 40.46
N LEU A 318 -12.52 -0.10 39.83
CA LEU A 318 -12.56 0.40 38.46
C LEU A 318 -12.13 1.83 38.44
N VAL A 319 -12.63 2.63 39.39
CA VAL A 319 -12.25 4.07 39.34
C VAL A 319 -10.75 4.21 39.56
N ASP A 320 -10.16 3.35 40.38
CA ASP A 320 -8.70 3.44 40.64
C ASP A 320 -7.93 3.10 39.34
N GLN A 321 -8.41 2.09 38.60
CA GLN A 321 -7.77 1.82 37.26
C GLN A 321 -7.90 3.05 36.37
N TRP A 322 -9.09 3.65 36.35
CA TRP A 322 -9.33 4.83 35.50
C TRP A 322 -8.42 6.00 35.84
N LYS A 323 -8.28 6.27 37.14
CA LYS A 323 -7.39 7.36 37.62
C LYS A 323 -5.95 7.07 37.33
N LYS A 324 -5.55 5.81 37.37
CA LYS A 324 -4.18 5.49 36.97
C LYS A 324 -4.02 5.76 35.44
N LYS A 325 -4.97 5.30 34.64
CA LYS A 325 -4.88 5.57 33.18
C LYS A 325 -4.83 7.05 32.94
N ALA A 326 -5.70 7.81 33.65
CA ALA A 326 -5.72 9.25 33.52
C ALA A 326 -4.39 9.96 33.80
N GLU A 327 -3.55 9.39 34.65
CA GLU A 327 -2.27 10.04 34.92
C GLU A 327 -1.36 10.09 33.69
N LEU A 328 -1.66 9.26 32.70
CA LEU A 328 -0.83 9.21 31.51
C LEU A 328 -1.19 10.27 30.49
N TYR A 329 -2.30 11.01 30.73
CA TYR A 329 -2.75 12.02 29.81
C TYR A 329 -2.85 13.39 30.47
N ARG A 330 -3.01 14.42 29.65
CA ARG A 330 -2.98 15.80 30.15
C ARG A 330 -4.27 16.46 30.53
N THR A 331 -5.41 15.98 30.01
CA THR A 331 -6.67 16.66 30.35
C THR A 331 -7.45 15.83 31.40
N ASN A 332 -8.62 16.35 31.77
CA ASN A 332 -9.44 15.63 32.73
C ASN A 332 -10.55 14.84 31.99
N VAL A 333 -10.26 14.49 30.72
CA VAL A 333 -11.23 13.75 29.93
C VAL A 333 -10.58 12.42 29.56
N LEU A 334 -11.21 11.29 29.94
CA LEU A 334 -10.62 10.00 29.71
C LEU A 334 -11.34 9.08 28.76
N LEU A 335 -10.59 8.47 27.84
CA LEU A 335 -11.16 7.54 26.85
C LEU A 335 -11.00 6.12 27.34
N ILE A 336 -12.14 5.38 27.42
CA ILE A 336 -12.14 3.99 27.81
C ILE A 336 -12.85 3.18 26.72
N PRO A 337 -12.10 2.64 25.76
CA PRO A 337 -12.73 1.83 24.72
C PRO A 337 -13.35 0.60 25.44
N LEU A 338 -14.47 0.10 24.93
CA LEU A 338 -15.07 -1.09 25.51
C LEU A 338 -15.41 -2.06 24.35
N GLY A 339 -14.50 -2.97 24.06
CA GLY A 339 -14.82 -3.93 22.98
C GLY A 339 -13.66 -4.84 22.66
N ASP A 340 -13.84 -5.65 21.60
CA ASP A 340 -12.83 -6.64 21.22
C ASP A 340 -13.30 -7.14 19.85
N ASP A 341 -12.73 -8.22 19.39
CA ASP A 341 -13.08 -8.69 18.04
C ASP A 341 -14.45 -9.27 17.91
N PHE A 342 -15.19 -8.78 16.90
CA PHE A 342 -16.52 -9.27 16.63
C PHE A 342 -17.37 -9.37 17.87
N ARG A 343 -17.22 -8.37 18.71
CA ARG A 343 -18.04 -8.26 19.89
C ARG A 343 -19.43 -7.66 19.57
N PHE A 344 -20.25 -7.72 20.59
CA PHE A 344 -21.64 -7.21 20.55
C PHE A 344 -22.47 -7.89 19.49
N LYS A 345 -22.31 -9.19 19.44
CA LYS A 345 -23.01 -10.04 18.51
C LYS A 345 -24.36 -10.46 19.10
N GLN A 346 -24.37 -11.06 20.28
CA GLN A 346 -25.67 -11.48 20.82
C GLN A 346 -26.44 -10.49 21.64
N ASN A 347 -27.77 -10.54 21.59
CA ASN A 347 -28.55 -9.63 22.44
C ASN A 347 -28.17 -9.75 23.89
N THR A 348 -27.90 -10.97 24.36
CA THR A 348 -27.53 -11.17 25.77
C THR A 348 -26.19 -10.49 26.11
N GLU A 349 -25.34 -10.43 25.09
CA GLU A 349 -24.02 -9.75 25.26
C GLU A 349 -24.28 -8.24 25.39
N TRP A 350 -25.13 -7.67 24.54
CA TRP A 350 -25.40 -6.25 24.68
C TRP A 350 -25.94 -5.93 26.08
N ASP A 351 -26.91 -6.72 26.50
CA ASP A 351 -27.46 -6.53 27.83
C ASP A 351 -26.45 -6.65 28.97
N VAL A 352 -25.66 -7.71 28.92
CA VAL A 352 -24.74 -7.95 30.03
C VAL A 352 -23.69 -6.83 30.13
N GLN A 353 -23.23 -6.31 29.00
CA GLN A 353 -22.31 -5.20 29.12
C GLN A 353 -23.05 -3.90 29.53
N ARG A 354 -24.13 -3.52 28.85
CA ARG A 354 -24.82 -2.30 29.15
C ARG A 354 -25.34 -2.21 30.60
N VAL A 355 -26.03 -3.24 31.05
CA VAL A 355 -26.61 -3.19 32.38
C VAL A 355 -25.58 -3.05 33.46
N ASN A 356 -24.54 -3.86 33.38
CA ASN A 356 -23.50 -3.81 34.42
C ASN A 356 -22.80 -2.45 34.43
N TYR A 357 -22.49 -1.92 33.23
CA TYR A 357 -21.92 -0.58 33.21
C TYR A 357 -22.91 0.50 33.67
N GLU A 358 -24.19 0.40 33.31
CA GLU A 358 -25.14 1.42 33.81
C GLU A 358 -25.11 1.39 35.36
N ARG A 359 -25.04 0.21 35.96
CA ARG A 359 -25.00 0.18 37.46
C ARG A 359 -23.77 0.90 38.02
N LEU A 360 -22.64 0.63 37.39
CA LEU A 360 -21.38 1.27 37.79
C LEU A 360 -21.44 2.79 37.62
N PHE A 361 -21.97 3.27 36.49
CA PHE A 361 -22.05 4.72 36.32
C PHE A 361 -23.01 5.34 37.36
N GLU A 362 -24.16 4.70 37.57
CA GLU A 362 -25.09 5.32 38.52
C GLU A 362 -24.44 5.46 39.88
N HIS A 363 -23.69 4.45 40.31
CA HIS A 363 -23.06 4.57 41.62
C HIS A 363 -21.93 5.61 41.61
N ILE A 364 -21.04 5.46 40.66
CA ILE A 364 -19.91 6.34 40.61
C ILE A 364 -20.24 7.77 40.48
N ASN A 365 -21.20 8.11 39.61
CA ASN A 365 -21.53 9.49 39.39
C ASN A 365 -22.27 10.12 40.55
N SER A 366 -22.83 9.28 41.42
CA SER A 366 -23.58 9.84 42.57
C SER A 366 -22.72 9.81 43.84
N GLN A 367 -21.51 9.28 43.77
CA GLN A 367 -20.57 9.25 44.89
C GLN A 367 -19.57 10.41 44.71
N ALA A 368 -19.87 11.57 45.29
CA ALA A 368 -18.98 12.71 45.11
C ALA A 368 -17.52 12.47 45.43
N HIS A 369 -17.21 11.61 46.39
CA HIS A 369 -15.82 11.42 46.70
C HIS A 369 -14.98 10.83 45.51
N PHE A 370 -15.63 10.29 44.48
CA PHE A 370 -14.81 9.80 43.34
C PHE A 370 -14.46 10.96 42.46
N ASN A 371 -15.29 12.01 42.48
CA ASN A 371 -15.17 13.18 41.61
C ASN A 371 -14.99 12.78 40.15
N VAL A 372 -15.85 11.84 39.70
CA VAL A 372 -15.87 11.31 38.32
C VAL A 372 -17.27 11.42 37.73
N GLN A 373 -17.39 11.73 36.44
CA GLN A 373 -18.71 11.74 35.75
C GLN A 373 -18.39 10.75 34.58
N ALA A 374 -18.94 9.55 34.62
CA ALA A 374 -18.68 8.55 33.60
C ALA A 374 -19.95 8.25 32.79
N GLN A 375 -19.76 7.90 31.51
CA GLN A 375 -20.91 7.64 30.67
C GLN A 375 -20.49 6.93 29.38
N PHE A 376 -21.48 6.40 28.66
CA PHE A 376 -21.17 5.81 27.35
C PHE A 376 -20.96 7.00 26.46
N GLY A 377 -20.02 6.90 25.53
CA GLY A 377 -19.78 8.06 24.66
C GLY A 377 -19.26 7.52 23.31
N THR A 378 -19.10 8.44 22.36
CA THR A 378 -18.54 8.07 21.06
C THR A 378 -17.12 8.65 21.00
N LEU A 379 -16.40 8.26 19.96
CA LEU A 379 -15.05 8.75 19.77
C LEU A 379 -15.01 10.30 19.57
N GLN A 380 -15.95 10.83 18.78
CA GLN A 380 -16.00 12.25 18.52
C GLN A 380 -16.32 12.97 19.84
N GLU A 381 -17.18 12.36 20.66
CA GLU A 381 -17.50 13.04 21.89
C GLU A 381 -16.23 13.19 22.74
N TYR A 382 -15.44 12.14 22.82
CA TYR A 382 -14.18 12.18 23.58
C TYR A 382 -13.30 13.31 23.04
N PHE A 383 -13.05 13.31 21.74
CA PHE A 383 -12.20 14.37 21.21
C PHE A 383 -12.77 15.77 21.39
N ASP A 384 -14.08 15.95 21.23
CA ASP A 384 -14.63 17.31 21.43
C ASP A 384 -14.37 17.80 22.85
N ALA A 385 -14.52 16.92 23.81
CA ALA A 385 -14.35 17.29 25.23
C ALA A 385 -12.84 17.57 25.50
N VAL A 386 -11.97 16.75 24.93
CA VAL A 386 -10.52 17.01 25.11
C VAL A 386 -10.17 18.42 24.59
N HIS A 387 -10.65 18.79 23.41
CA HIS A 387 -10.32 20.10 22.89
C HIS A 387 -11.02 21.20 23.66
N GLN A 388 -12.17 20.91 24.22
CA GLN A 388 -12.78 21.96 25.09
C GLN A 388 -11.79 22.20 26.28
N ALA A 389 -11.20 21.16 26.82
CA ALA A 389 -10.27 21.26 27.97
C ALA A 389 -9.08 22.06 27.56
N GLU A 390 -8.59 21.75 26.35
CA GLU A 390 -7.46 22.44 25.76
C GLU A 390 -7.73 23.95 25.63
N ARG A 391 -8.86 24.32 25.02
CA ARG A 391 -9.20 25.73 24.85
C ARG A 391 -9.40 26.42 26.20
N ALA A 392 -9.75 25.67 27.23
CA ALA A 392 -9.97 26.32 28.52
C ALA A 392 -8.62 26.53 29.20
N GLY A 393 -7.55 26.21 28.46
CA GLY A 393 -6.23 26.38 29.02
C GLY A 393 -5.79 25.32 29.96
N GLN A 394 -6.47 24.17 29.93
CA GLN A 394 -6.02 23.17 30.85
C GLN A 394 -4.89 22.25 30.38
N ALA A 395 -4.57 22.26 29.09
CA ALA A 395 -3.46 21.43 28.61
C ALA A 395 -2.90 22.01 27.31
N GLU A 396 -1.63 21.75 27.02
CA GLU A 396 -1.05 22.17 25.73
C GLU A 396 -0.50 20.82 25.27
N PHE A 397 -0.54 20.58 23.99
CA PHE A 397 -0.12 19.26 23.52
C PHE A 397 1.22 19.34 22.80
N PRO A 398 2.06 18.30 22.95
CA PRO A 398 3.36 18.31 22.27
C PRO A 398 3.16 18.07 20.73
N THR A 399 4.16 18.43 19.93
CA THR A 399 4.19 18.25 18.50
C THR A 399 5.11 17.04 18.26
N LEU A 400 4.80 16.28 17.22
CA LEU A 400 5.57 15.07 16.97
C LEU A 400 5.66 14.83 15.49
N SER A 401 6.79 14.30 15.01
CA SER A 401 6.84 13.85 13.60
C SER A 401 7.57 12.49 13.62
N GLY A 402 7.39 11.70 12.55
CA GLY A 402 8.05 10.40 12.47
C GLY A 402 6.98 9.31 12.30
N ASP A 403 7.41 8.04 12.34
CA ASP A 403 6.47 6.93 12.22
C ASP A 403 6.58 6.00 13.40
N PHE A 404 5.80 4.93 13.32
CA PHE A 404 5.74 3.93 14.36
C PHE A 404 5.95 2.55 13.82
N PHE A 405 7.06 2.43 13.05
CA PHE A 405 7.46 1.12 12.59
C PHE A 405 8.91 0.95 13.14
N THR A 406 9.34 -0.25 13.44
CA THR A 406 8.61 -1.51 13.31
C THR A 406 8.11 -1.88 14.66
N TYR A 407 6.82 -2.22 14.69
CA TYR A 407 6.10 -2.62 15.87
C TYR A 407 6.59 -3.91 16.54
N ALA A 408 6.63 -3.90 17.88
CA ALA A 408 6.89 -5.12 18.63
C ALA A 408 5.84 -5.06 19.72
N ASP A 409 5.09 -6.16 19.89
CA ASP A 409 4.07 -6.13 20.96
C ASP A 409 4.64 -6.67 22.28
N ARG A 410 5.76 -7.39 22.20
CA ARG A 410 6.41 -7.91 23.43
C ARG A 410 7.79 -8.45 23.10
N SER A 411 8.68 -8.40 24.10
CA SER A 411 10.04 -8.91 23.98
C SER A 411 10.74 -8.61 22.66
N ASP A 412 11.18 -9.65 21.94
CA ASP A 412 11.88 -9.38 20.67
C ASP A 412 10.96 -9.72 19.48
N ASN A 413 9.64 -9.82 19.71
CA ASN A 413 8.68 -10.21 18.64
C ASN A 413 8.30 -8.95 17.80
N TYR A 414 9.13 -8.66 16.81
CA TYR A 414 8.96 -7.50 15.94
C TYR A 414 8.17 -8.02 14.74
N TRP A 415 7.20 -7.22 14.35
CA TRP A 415 6.28 -7.61 13.31
C TRP A 415 6.77 -7.18 11.92
N SER A 416 7.95 -7.65 11.52
CA SER A 416 8.43 -7.28 10.21
C SER A 416 8.21 -8.40 9.16
N GLY A 417 7.70 -9.55 9.60
CA GLY A 417 7.46 -10.65 8.66
C GLY A 417 6.34 -10.32 7.66
N TYR A 418 5.30 -9.60 8.11
CA TYR A 418 4.17 -9.31 7.23
C TYR A 418 4.50 -8.23 6.15
N TYR A 419 5.70 -7.66 6.21
CA TYR A 419 6.15 -6.74 5.19
C TYR A 419 6.43 -7.58 3.91
N THR A 420 6.45 -8.90 4.08
CA THR A 420 6.75 -9.80 2.93
C THR A 420 5.77 -10.93 2.70
N SER A 421 5.06 -11.37 3.77
CA SER A 421 4.14 -12.49 3.67
C SER A 421 3.20 -12.41 2.48
N ARG A 422 2.99 -13.57 1.79
CA ARG A 422 2.10 -13.65 0.58
C ARG A 422 2.51 -12.54 -0.41
N PRO A 423 3.76 -12.63 -0.91
CA PRO A 423 4.21 -11.59 -1.83
C PRO A 423 3.52 -11.57 -3.18
N TYR A 424 2.93 -12.70 -3.60
CA TYR A 424 2.23 -12.75 -4.89
C TYR A 424 1.08 -11.73 -4.84
N HIS A 425 0.35 -11.66 -3.72
CA HIS A 425 -0.82 -10.75 -3.65
C HIS A 425 -0.39 -9.32 -3.38
N LYS A 426 0.78 -9.17 -2.73
CA LYS A 426 1.29 -7.82 -2.53
C LYS A 426 1.61 -7.23 -3.90
N ARG A 427 2.19 -8.04 -4.79
CA ARG A 427 2.49 -7.54 -6.15
C ARG A 427 1.17 -7.32 -6.90
N MET A 428 0.20 -8.22 -6.72
CA MET A 428 -1.09 -8.08 -7.39
C MET A 428 -1.76 -6.75 -6.99
N ASP A 429 -1.52 -6.35 -5.72
CA ASP A 429 -2.09 -5.09 -5.21
C ASP A 429 -1.67 -3.91 -6.06
N ARG A 430 -0.37 -3.88 -6.44
CA ARG A 430 0.17 -2.76 -7.20
C ARG A 430 -0.32 -2.81 -8.62
N VAL A 431 -0.45 -4.02 -9.19
CA VAL A 431 -0.96 -4.12 -10.53
C VAL A 431 -2.43 -3.59 -10.58
N LEU A 432 -3.26 -4.09 -9.68
CA LEU A 432 -4.64 -3.61 -9.67
C LEU A 432 -4.74 -2.12 -9.30
N MET A 433 -3.85 -1.64 -8.46
CA MET A 433 -3.82 -0.20 -8.11
C MET A 433 -3.78 0.62 -9.43
N HIS A 434 -2.89 0.19 -10.33
CA HIS A 434 -2.70 0.89 -11.57
C HIS A 434 -3.85 0.70 -12.57
N TYR A 435 -4.36 -0.54 -12.65
CA TYR A 435 -5.47 -0.81 -13.57
C TYR A 435 -6.70 -0.02 -13.10
N VAL A 436 -6.88 0.12 -11.79
CA VAL A 436 -8.05 0.93 -11.36
C VAL A 436 -7.87 2.39 -11.79
N ARG A 437 -6.67 2.92 -11.58
CA ARG A 437 -6.47 4.31 -11.97
C ARG A 437 -6.68 4.44 -13.49
N ALA A 438 -6.11 3.48 -14.27
CA ALA A 438 -6.21 3.61 -15.76
C ALA A 438 -7.66 3.47 -16.28
N ALA A 439 -8.42 2.58 -15.63
CA ALA A 439 -9.78 2.34 -16.04
C ALA A 439 -10.64 3.61 -15.68
N GLU A 440 -10.44 4.11 -14.49
CA GLU A 440 -11.21 5.31 -14.12
C GLU A 440 -10.81 6.51 -15.00
N MET A 441 -9.53 6.63 -15.34
CA MET A 441 -9.13 7.76 -16.12
C MET A 441 -9.58 7.63 -17.59
N LEU A 442 -9.34 6.48 -18.23
CA LEU A 442 -9.78 6.29 -19.63
C LEU A 442 -11.29 6.47 -19.83
N SER A 443 -12.07 6.03 -18.85
CA SER A 443 -13.50 6.15 -19.02
C SER A 443 -14.06 7.52 -18.57
N ALA A 444 -13.25 8.31 -17.85
CA ALA A 444 -13.71 9.62 -17.35
C ALA A 444 -13.91 10.63 -18.50
N TRP A 445 -13.24 10.44 -19.63
CA TRP A 445 -13.31 11.42 -20.70
C TRP A 445 -14.70 11.53 -21.30
N HIS A 446 -15.48 10.48 -21.23
CA HIS A 446 -16.82 10.58 -21.78
C HIS A 446 -17.83 10.31 -20.69
N SER A 447 -19.07 10.63 -21.03
CA SER A 447 -20.23 10.31 -20.21
C SER A 447 -20.74 9.01 -20.84
N TRP A 448 -21.07 7.99 -20.04
CA TRP A 448 -21.49 6.75 -20.65
C TRP A 448 -22.94 6.39 -20.39
N ASP A 449 -23.58 5.83 -21.42
CA ASP A 449 -24.95 5.31 -21.27
C ASP A 449 -24.92 4.23 -20.17
N GLY A 450 -26.00 4.14 -19.39
CA GLY A 450 -26.05 3.16 -18.32
C GLY A 450 -25.89 1.77 -18.81
N MET A 451 -26.30 1.51 -20.04
CA MET A 451 -26.18 0.14 -20.61
C MET A 451 -24.73 -0.28 -20.79
N ALA A 452 -23.80 0.66 -20.77
CA ALA A 452 -22.39 0.30 -20.96
C ALA A 452 -21.83 -0.35 -19.68
N ARG A 453 -22.58 -0.22 -18.60
CA ARG A 453 -22.11 -0.79 -17.28
C ARG A 453 -20.73 -0.34 -16.85
N ILE A 454 -20.36 0.88 -17.21
CA ILE A 454 -19.08 1.41 -16.82
C ILE A 454 -19.02 1.67 -15.33
N GLU A 455 -19.97 2.40 -14.81
CA GLU A 455 -19.96 2.73 -13.37
C GLU A 455 -20.02 1.44 -12.56
N GLU A 456 -20.82 0.48 -13.04
CA GLU A 456 -20.95 -0.81 -12.36
C GLU A 456 -19.59 -1.53 -12.24
N ARG A 457 -18.87 -1.67 -13.37
CA ARG A 457 -17.57 -2.34 -13.35
C ARG A 457 -16.54 -1.61 -12.52
N LEU A 458 -16.52 -0.27 -12.59
CA LEU A 458 -15.55 0.50 -11.82
C LEU A 458 -15.85 0.38 -10.35
N GLU A 459 -17.13 0.40 -9.99
CA GLU A 459 -17.40 0.31 -8.57
C GLU A 459 -16.93 -1.05 -8.04
N GLN A 460 -17.18 -2.13 -8.79
CA GLN A 460 -16.71 -3.42 -8.35
C GLN A 460 -15.16 -3.41 -8.20
N ALA A 461 -14.45 -2.88 -9.22
CA ALA A 461 -13.01 -2.88 -9.09
C ALA A 461 -12.53 -2.03 -7.88
N ARG A 462 -13.07 -0.81 -7.70
CA ARG A 462 -12.61 -0.01 -6.57
C ARG A 462 -12.86 -0.78 -5.26
N ARG A 463 -14.05 -1.38 -5.15
CA ARG A 463 -14.33 -2.11 -3.91
C ARG A 463 -13.47 -3.35 -3.63
N GLU A 464 -13.14 -4.16 -4.65
CA GLU A 464 -12.32 -5.29 -4.33
C GLU A 464 -10.91 -4.82 -4.01
N LEU A 465 -10.39 -3.81 -4.70
CA LEU A 465 -9.02 -3.33 -4.35
C LEU A 465 -9.06 -2.71 -2.94
N SER A 466 -10.14 -1.97 -2.65
CA SER A 466 -10.27 -1.35 -1.34
C SER A 466 -10.35 -2.40 -0.22
N LEU A 467 -11.06 -3.49 -0.48
CA LEU A 467 -11.16 -4.51 0.54
C LEU A 467 -9.76 -5.08 0.85
N PHE A 468 -8.96 -5.27 -0.17
CA PHE A 468 -7.64 -5.85 0.03
C PHE A 468 -6.71 -4.93 0.83
N GLN A 469 -7.01 -3.65 0.98
CA GLN A 469 -6.18 -2.82 1.80
C GLN A 469 -6.32 -3.17 3.26
N HIS A 470 -7.30 -4.00 3.58
CA HIS A 470 -7.50 -4.42 4.97
C HIS A 470 -6.15 -4.87 5.59
N HIS A 471 -6.03 -4.74 6.93
CA HIS A 471 -4.80 -5.17 7.65
C HIS A 471 -4.57 -6.72 7.78
N ASP A 472 -5.47 -7.53 7.16
CA ASP A 472 -5.16 -8.95 6.98
C ASP A 472 -5.21 -9.29 5.50
N GLY A 473 -5.29 -8.27 4.67
CA GLY A 473 -5.36 -8.51 3.25
C GLY A 473 -3.97 -8.41 2.65
N ILE A 474 -3.57 -7.21 2.25
CA ILE A 474 -2.27 -7.01 1.67
C ILE A 474 -1.10 -7.46 2.61
N THR A 475 -1.37 -7.46 3.90
CA THR A 475 -0.35 -7.85 4.91
C THR A 475 0.03 -9.36 4.78
N GLY A 476 -0.80 -10.15 4.12
CA GLY A 476 -0.50 -11.55 4.00
C GLY A 476 -0.67 -12.30 5.31
N THR A 477 -1.54 -11.82 6.22
CA THR A 477 -1.73 -12.51 7.48
C THR A 477 -3.10 -13.25 7.57
N ALA A 478 -3.75 -13.53 6.43
CA ALA A 478 -5.04 -14.28 6.51
C ALA A 478 -4.90 -15.81 6.26
N LYS A 479 -5.94 -16.61 6.55
CA LYS A 479 -5.78 -18.05 6.28
C LYS A 479 -5.73 -18.27 4.81
N THR A 480 -5.27 -19.44 4.41
CA THR A 480 -5.14 -19.75 3.00
C THR A 480 -6.39 -19.54 2.20
N HIS A 481 -7.55 -20.05 2.66
CA HIS A 481 -8.70 -19.87 1.80
C HIS A 481 -9.18 -18.43 1.74
N VAL A 482 -8.78 -17.61 2.70
CA VAL A 482 -9.19 -16.17 2.71
C VAL A 482 -8.28 -15.47 1.67
N VAL A 483 -6.99 -15.82 1.66
CA VAL A 483 -6.12 -15.26 0.63
C VAL A 483 -6.68 -15.58 -0.77
N VAL A 484 -7.15 -16.81 -0.96
CA VAL A 484 -7.73 -17.21 -2.22
C VAL A 484 -8.96 -16.35 -2.56
N ASP A 485 -9.76 -16.07 -1.54
CA ASP A 485 -10.91 -15.21 -1.77
C ASP A 485 -10.46 -13.80 -2.21
N TYR A 486 -9.46 -13.26 -1.55
CA TYR A 486 -9.00 -11.89 -1.98
C TYR A 486 -8.45 -11.94 -3.38
N GLU A 487 -7.74 -13.02 -3.70
CA GLU A 487 -7.16 -13.16 -5.05
C GLU A 487 -8.29 -13.24 -6.11
N GLN A 488 -9.32 -14.05 -5.88
CA GLN A 488 -10.45 -14.12 -6.84
C GLN A 488 -11.14 -12.79 -7.03
N ARG A 489 -11.37 -12.06 -5.95
CA ARG A 489 -11.96 -10.75 -6.00
C ARG A 489 -11.10 -9.85 -6.81
N MET A 490 -9.77 -9.85 -6.57
CA MET A 490 -8.93 -8.95 -7.37
C MET A 490 -8.91 -9.37 -8.82
N GLN A 491 -8.95 -10.67 -9.09
CA GLN A 491 -8.96 -11.11 -10.48
C GLN A 491 -10.22 -10.60 -11.21
N GLU A 492 -11.37 -10.65 -10.53
CA GLU A 492 -12.57 -10.14 -11.13
C GLU A 492 -12.41 -8.63 -11.30
N ALA A 493 -11.73 -7.96 -10.36
CA ALA A 493 -11.57 -6.50 -10.49
C ALA A 493 -10.68 -6.21 -11.70
N LEU A 494 -9.63 -7.00 -11.88
CA LEU A 494 -8.77 -6.78 -13.05
C LEU A 494 -9.58 -6.93 -14.35
N LYS A 495 -10.41 -7.99 -14.47
CA LYS A 495 -11.26 -8.16 -15.66
C LYS A 495 -12.22 -6.96 -15.82
N ALA A 496 -12.80 -6.45 -14.72
CA ALA A 496 -13.66 -5.29 -14.86
C ALA A 496 -12.86 -4.11 -15.41
N CYS A 497 -11.65 -3.90 -14.87
CA CYS A 497 -10.84 -2.78 -15.37
C CYS A 497 -10.56 -2.96 -16.87
N GLN A 498 -10.20 -4.17 -17.28
CA GLN A 498 -9.87 -4.40 -18.69
C GLN A 498 -11.08 -4.06 -19.55
N MET A 499 -12.28 -4.55 -19.18
CA MET A 499 -13.50 -4.26 -19.96
C MET A 499 -13.70 -2.77 -20.14
N VAL A 500 -13.63 -2.02 -19.03
CA VAL A 500 -13.81 -0.58 -19.11
C VAL A 500 -12.75 0.09 -19.94
N MET A 501 -11.50 -0.32 -19.72
CA MET A 501 -10.38 0.31 -20.44
C MET A 501 -10.51 0.07 -21.96
N GLN A 502 -10.79 -1.17 -22.36
CA GLN A 502 -10.84 -1.47 -23.79
C GLN A 502 -12.06 -0.82 -24.45
N GLN A 503 -13.20 -0.73 -23.73
CA GLN A 503 -14.35 -0.01 -24.33
C GLN A 503 -13.96 1.47 -24.47
N SER A 504 -13.24 2.00 -23.48
CA SER A 504 -12.87 3.41 -23.55
C SER A 504 -11.90 3.70 -24.70
N VAL A 505 -10.92 2.82 -24.87
CA VAL A 505 -9.97 3.01 -25.98
C VAL A 505 -10.75 2.99 -27.32
N TYR A 506 -11.61 2.01 -27.47
CA TYR A 506 -12.35 1.95 -28.74
C TYR A 506 -13.15 3.24 -29.04
N ARG A 507 -13.74 3.83 -28.01
CA ARG A 507 -14.51 5.05 -28.22
C ARG A 507 -13.60 6.27 -28.41
N LEU A 508 -12.45 6.29 -27.74
CA LEU A 508 -11.59 7.41 -27.90
C LEU A 508 -10.82 7.46 -29.22
N LEU A 509 -10.61 6.31 -29.84
CA LEU A 509 -9.84 6.24 -31.06
C LEU A 509 -10.61 5.83 -32.31
N THR A 510 -11.96 5.97 -32.29
CA THR A 510 -12.74 5.59 -33.47
C THR A 510 -13.52 6.82 -33.96
N LYS A 511 -13.51 7.09 -35.26
CA LYS A 511 -14.28 8.27 -35.84
C LYS A 511 -15.64 8.18 -35.24
N PRO A 512 -16.11 9.26 -34.61
CA PRO A 512 -17.43 9.20 -33.98
C PRO A 512 -18.62 8.72 -34.80
N SER A 513 -18.71 9.12 -36.07
CA SER A 513 -19.83 8.69 -36.87
C SER A 513 -19.75 7.26 -37.34
N ILE A 514 -18.67 6.56 -37.02
CA ILE A 514 -18.49 5.16 -37.37
C ILE A 514 -18.60 4.29 -36.09
N TYR A 515 -18.29 4.91 -34.94
CA TYR A 515 -18.30 4.19 -33.63
C TYR A 515 -19.64 3.49 -33.37
N SER A 516 -19.62 2.16 -33.23
CA SER A 516 -20.86 1.37 -33.08
C SER A 516 -20.61 0.36 -31.98
N PRO A 517 -20.66 0.79 -30.70
CA PRO A 517 -20.35 -0.15 -29.66
C PRO A 517 -21.30 -1.24 -29.26
N ASP A 518 -20.74 -2.40 -28.97
CA ASP A 518 -21.49 -3.52 -28.40
C ASP A 518 -20.78 -3.50 -27.00
N PHE A 519 -21.52 -3.10 -25.98
CA PHE A 519 -20.91 -2.95 -24.66
C PHE A 519 -20.45 -4.21 -24.00
N SER A 520 -20.72 -5.37 -24.63
CA SER A 520 -20.30 -6.64 -24.03
C SER A 520 -19.14 -7.23 -24.86
N PHE A 521 -18.79 -6.57 -25.96
CA PHE A 521 -17.76 -7.05 -26.88
C PHE A 521 -16.32 -6.66 -26.50
N SER A 522 -15.35 -7.53 -26.80
CA SER A 522 -13.96 -7.21 -26.52
C SER A 522 -13.28 -6.70 -27.78
N TYR A 523 -13.21 -5.40 -27.90
CA TYR A 523 -12.55 -4.73 -29.04
C TYR A 523 -11.04 -4.86 -28.93
N PHE A 524 -10.54 -4.87 -27.69
CA PHE A 524 -9.10 -5.03 -27.48
C PHE A 524 -8.86 -5.97 -26.27
N THR A 525 -7.72 -6.62 -26.24
CA THR A 525 -7.41 -7.36 -25.02
C THR A 525 -6.14 -6.70 -24.49
N LEU A 526 -5.99 -6.59 -23.18
CA LEU A 526 -4.78 -6.00 -22.63
C LEU A 526 -3.64 -7.00 -22.73
N ASP A 527 -2.43 -6.50 -22.87
CA ASP A 527 -1.28 -7.36 -22.88
C ASP A 527 -0.40 -6.83 -21.78
N ASP A 528 -0.11 -7.65 -20.77
CA ASP A 528 0.70 -7.20 -19.65
C ASP A 528 1.92 -8.11 -19.57
N SER A 529 3.10 -7.54 -19.78
CA SER A 529 4.32 -8.33 -19.73
C SER A 529 4.77 -8.71 -18.37
N ARG A 530 4.27 -8.03 -17.33
CA ARG A 530 4.76 -8.33 -16.01
C ARG A 530 3.76 -8.85 -15.01
N TRP A 531 2.53 -9.17 -15.45
CA TRP A 531 1.58 -9.73 -14.50
C TRP A 531 0.64 -10.62 -15.30
N PRO A 532 0.50 -11.88 -14.91
CA PRO A 532 1.19 -12.53 -13.77
C PRO A 532 2.71 -12.68 -13.95
N GLY A 533 3.17 -12.58 -15.19
CA GLY A 533 4.58 -12.66 -15.46
C GLY A 533 4.96 -13.96 -16.11
N SER A 534 6.00 -13.88 -16.94
CA SER A 534 6.47 -15.05 -17.67
C SER A 534 6.90 -16.02 -16.58
N GLY A 535 6.55 -17.30 -16.72
CA GLY A 535 6.88 -18.29 -15.68
C GLY A 535 5.87 -18.35 -14.52
N VAL A 536 4.92 -17.41 -14.50
CA VAL A 536 3.90 -17.41 -13.46
C VAL A 536 2.61 -17.93 -14.13
N GLU A 537 2.28 -17.40 -15.30
CA GLU A 537 1.09 -17.82 -16.05
C GLU A 537 1.27 -17.53 -17.56
N ASP A 538 0.99 -18.52 -18.44
CA ASP A 538 1.10 -18.21 -19.89
C ASP A 538 -0.28 -17.64 -20.15
N SER A 539 -0.39 -16.32 -20.09
CA SER A 539 -1.72 -15.71 -20.27
C SER A 539 -1.75 -14.69 -21.39
N ARG A 540 -0.57 -14.36 -21.87
CA ARG A 540 -0.44 -13.35 -22.92
C ARG A 540 -0.87 -13.93 -24.23
N THR A 541 -1.60 -13.16 -24.99
CA THR A 541 -1.96 -13.72 -26.26
C THR A 541 -0.89 -13.38 -27.28
N THR A 542 -0.74 -14.26 -28.27
CA THR A 542 0.21 -14.04 -29.35
C THR A 542 -0.56 -13.38 -30.48
N ILE A 543 0.01 -12.35 -31.09
CA ILE A 543 -0.62 -11.71 -32.24
C ILE A 543 -0.27 -12.65 -33.40
N ILE A 544 -1.28 -13.27 -34.00
CA ILE A 544 -1.07 -14.28 -35.06
C ILE A 544 -1.23 -13.61 -36.40
N LEU A 545 -0.11 -13.50 -37.11
CA LEU A 545 -0.10 -12.87 -38.41
C LEU A 545 0.31 -13.91 -39.45
N GLY A 546 -0.08 -13.75 -40.68
CA GLY A 546 0.38 -14.70 -41.68
C GLY A 546 -0.15 -14.32 -43.02
N GLU A 547 0.58 -14.62 -44.07
CA GLU A 547 0.09 -14.26 -45.41
C GLU A 547 -1.28 -14.84 -45.72
N ASP A 548 -1.53 -16.05 -45.21
CA ASP A 548 -2.78 -16.67 -45.51
C ASP A 548 -3.82 -16.44 -44.42
N ILE A 549 -3.60 -15.49 -43.51
CA ILE A 549 -4.65 -15.31 -42.49
C ILE A 549 -4.85 -13.83 -42.10
N LEU A 550 -3.76 -13.10 -41.89
CA LEU A 550 -3.88 -11.69 -41.44
C LEU A 550 -2.54 -11.01 -41.57
N PRO A 551 -2.47 -9.99 -42.38
CA PRO A 551 -1.16 -9.36 -42.52
C PRO A 551 -0.71 -8.36 -41.45
N SER A 552 -1.66 -7.79 -40.73
CA SER A 552 -1.22 -6.79 -39.76
C SER A 552 -2.24 -6.67 -38.63
N LYS A 553 -1.84 -5.96 -37.59
CA LYS A 553 -2.62 -5.82 -36.36
C LYS A 553 -2.33 -4.46 -35.71
N HIS A 554 -3.38 -3.78 -35.29
CA HIS A 554 -3.23 -2.50 -34.59
C HIS A 554 -3.08 -2.81 -33.09
N VAL A 555 -2.23 -2.05 -32.42
CA VAL A 555 -2.02 -2.10 -30.97
C VAL A 555 -2.09 -0.64 -30.52
N VAL A 556 -2.47 -0.43 -29.27
CA VAL A 556 -2.58 0.93 -28.78
C VAL A 556 -1.98 0.97 -27.39
N MET A 557 -1.24 2.03 -27.10
CA MET A 557 -0.69 2.25 -25.75
C MET A 557 -1.34 3.42 -25.08
N HIS A 558 -1.63 3.24 -23.80
CA HIS A 558 -2.19 4.35 -22.99
C HIS A 558 -1.12 4.77 -21.95
N ASN A 559 -1.02 6.08 -21.69
CA ASN A 559 -0.08 6.63 -20.72
C ASN A 559 -0.90 7.39 -19.68
N THR A 560 -1.06 6.82 -18.47
CA THR A 560 -1.90 7.51 -17.47
C THR A 560 -1.26 8.77 -16.85
N LEU A 561 0.06 8.89 -17.01
CA LEU A 561 0.82 10.04 -16.41
C LEU A 561 0.62 11.28 -17.23
N PRO A 562 0.55 12.45 -16.56
CA PRO A 562 0.34 13.71 -17.26
C PRO A 562 1.52 14.34 -17.94
N HIS A 563 2.40 13.53 -18.60
CA HIS A 563 3.47 14.15 -19.36
C HIS A 563 3.74 13.18 -20.49
N TRP A 564 4.20 13.68 -21.62
CA TRP A 564 4.61 12.81 -22.71
C TRP A 564 5.54 11.75 -22.21
N ARG A 565 5.38 10.53 -22.70
CA ARG A 565 6.26 9.54 -22.16
C ARG A 565 6.63 8.55 -23.22
N GLU A 566 7.89 8.16 -23.22
CA GLU A 566 8.35 7.10 -24.11
C GLU A 566 8.70 5.90 -23.21
N GLN A 567 8.47 4.69 -23.73
CA GLN A 567 8.80 3.48 -22.96
C GLN A 567 8.84 2.35 -23.95
N LEU A 568 9.75 1.42 -23.78
CA LEU A 568 9.75 0.22 -24.67
C LEU A 568 8.54 -0.64 -24.31
N VAL A 569 7.85 -1.15 -25.32
CA VAL A 569 6.75 -2.07 -25.09
C VAL A 569 7.01 -3.35 -25.87
N ASP A 570 6.58 -4.51 -25.37
CA ASP A 570 6.81 -5.72 -26.18
C ASP A 570 5.51 -6.50 -26.40
N PHE A 571 5.44 -7.24 -27.49
CA PHE A 571 4.25 -8.06 -27.72
C PHE A 571 4.74 -9.41 -28.25
N TYR A 572 3.94 -10.46 -28.07
CA TYR A 572 4.30 -11.73 -28.69
C TYR A 572 3.70 -11.74 -30.10
N VAL A 573 4.45 -12.25 -31.07
CA VAL A 573 3.95 -12.32 -32.43
C VAL A 573 4.33 -13.73 -32.97
N SER A 574 3.59 -14.20 -33.95
CA SER A 574 3.80 -15.57 -34.50
C SER A 574 4.88 -15.66 -35.56
N SER A 575 5.60 -14.58 -35.81
CA SER A 575 6.66 -14.60 -36.79
C SER A 575 7.68 -13.60 -36.37
N PRO A 576 8.94 -13.88 -36.67
CA PRO A 576 9.98 -12.92 -36.29
C PRO A 576 10.09 -11.81 -37.31
N PHE A 577 9.44 -11.96 -38.46
CA PHE A 577 9.53 -10.97 -39.54
C PHE A 577 8.35 -10.01 -39.48
N VAL A 578 8.45 -9.10 -38.51
CA VAL A 578 7.41 -8.14 -38.22
C VAL A 578 8.00 -6.77 -38.14
N SER A 579 7.31 -5.79 -38.68
CA SER A 579 7.82 -4.46 -38.59
C SER A 579 6.73 -3.58 -37.98
N VAL A 580 7.15 -2.46 -37.45
CA VAL A 580 6.21 -1.56 -36.77
C VAL A 580 6.17 -0.18 -37.44
N THR A 581 4.98 0.41 -37.50
CA THR A 581 4.74 1.72 -38.04
C THR A 581 3.77 2.44 -37.08
N ASP A 582 3.77 3.76 -37.10
CA ASP A 582 2.82 4.50 -36.32
C ASP A 582 1.57 4.79 -37.21
N LEU A 583 0.58 5.55 -36.77
CA LEU A 583 -0.54 5.58 -37.75
C LEU A 583 -0.32 6.49 -38.94
N ALA A 584 0.78 7.27 -38.94
CA ALA A 584 1.09 8.07 -40.16
C ALA A 584 1.96 7.18 -41.03
N ASN A 585 2.04 5.89 -40.67
CA ASN A 585 2.85 4.93 -41.39
C ASN A 585 4.33 5.20 -41.35
N ASN A 586 4.79 5.98 -40.37
CA ASN A 586 6.22 6.20 -40.23
C ASN A 586 6.80 4.90 -39.61
N PRO A 587 7.93 4.40 -40.14
CA PRO A 587 8.51 3.19 -39.55
C PRO A 587 8.99 3.48 -38.15
N VAL A 588 8.92 2.47 -37.30
CA VAL A 588 9.35 2.59 -35.93
C VAL A 588 10.43 1.51 -35.72
N GLU A 589 11.58 1.91 -35.19
CA GLU A 589 12.64 0.93 -34.96
C GLU A 589 12.18 -0.16 -33.95
N ALA A 590 12.42 -1.42 -34.29
CA ALA A 590 11.98 -2.52 -33.43
C ALA A 590 13.07 -3.58 -33.27
N GLN A 591 12.96 -4.39 -32.22
CA GLN A 591 13.90 -5.49 -31.97
C GLN A 591 13.07 -6.76 -31.69
N VAL A 592 13.46 -7.89 -32.25
CA VAL A 592 12.77 -9.15 -32.01
C VAL A 592 13.75 -9.99 -31.20
N SER A 593 13.25 -10.66 -30.18
CA SER A 593 14.00 -11.54 -29.29
C SER A 593 13.16 -12.79 -29.21
N PRO A 594 13.77 -13.87 -28.75
CA PRO A 594 13.03 -15.13 -28.63
C PRO A 594 12.12 -15.03 -27.40
N VAL A 595 11.22 -16.02 -27.25
CA VAL A 595 10.41 -16.11 -26.06
C VAL A 595 11.11 -17.23 -25.30
N TRP A 596 11.73 -16.88 -24.17
CA TRP A 596 12.46 -17.86 -23.36
C TRP A 596 11.68 -18.22 -22.10
N SER A 597 11.54 -19.50 -21.81
CA SER A 597 10.88 -19.88 -20.56
CA SER A 597 10.86 -20.08 -20.68
C SER A 597 11.86 -20.78 -19.84
N TRP A 598 11.87 -20.66 -18.53
CA TRP A 598 12.76 -21.45 -17.69
C TRP A 598 12.11 -22.67 -17.14
N HIS A 599 12.84 -23.77 -17.12
CA HIS A 599 12.28 -25.03 -16.67
C HIS A 599 13.10 -25.71 -15.64
N HIS A 600 12.46 -26.19 -14.59
CA HIS A 600 13.25 -26.95 -13.62
C HIS A 600 13.17 -28.33 -14.20
N ASP A 601 14.25 -28.74 -14.82
CA ASP A 601 14.30 -30.02 -15.51
C ASP A 601 14.49 -31.11 -14.43
N THR A 602 13.43 -31.89 -14.15
CA THR A 602 13.54 -32.95 -13.14
C THR A 602 14.37 -34.13 -13.59
N LEU A 603 14.72 -34.19 -14.87
CA LEU A 603 15.58 -35.24 -15.37
C LEU A 603 17.09 -34.92 -15.15
N THR A 604 17.56 -33.79 -15.70
CA THR A 604 18.96 -33.39 -15.55
C THR A 604 19.25 -32.67 -14.23
N LYS A 605 18.21 -32.36 -13.48
CA LYS A 605 18.35 -31.64 -12.22
C LYS A 605 19.04 -30.29 -12.44
N THR A 606 18.63 -29.53 -13.45
CA THR A 606 19.21 -28.21 -13.75
C THR A 606 18.03 -27.29 -14.05
N ILE A 607 18.25 -25.97 -13.93
CA ILE A 607 17.21 -25.02 -14.24
C ILE A 607 17.74 -24.35 -15.52
N HIS A 608 17.02 -24.46 -16.65
CA HIS A 608 17.57 -23.91 -17.88
C HIS A 608 16.47 -23.41 -18.81
N PRO A 609 16.83 -22.55 -19.76
CA PRO A 609 15.79 -22.04 -20.60
C PRO A 609 15.54 -22.72 -21.88
N GLN A 610 14.28 -22.69 -22.30
CA GLN A 610 13.89 -23.29 -23.57
C GLN A 610 13.32 -22.16 -24.40
N GLY A 611 13.68 -22.13 -25.67
CA GLY A 611 13.13 -21.13 -26.53
C GLY A 611 11.95 -21.61 -27.35
N SER A 612 10.98 -20.73 -27.58
CA SER A 612 9.80 -21.08 -28.40
C SER A 612 10.20 -21.13 -29.86
N THR A 613 9.67 -22.08 -30.66
CA THR A 613 10.03 -22.09 -32.10
C THR A 613 8.86 -21.53 -32.98
N THR A 614 7.80 -21.05 -32.30
CA THR A 614 6.62 -20.46 -32.94
C THR A 614 6.16 -19.04 -32.47
N LYS A 615 6.63 -18.53 -31.32
CA LYS A 615 6.22 -17.18 -30.89
C LYS A 615 7.51 -16.46 -30.65
N TYR A 616 7.50 -15.13 -30.86
CA TYR A 616 8.69 -14.31 -30.69
C TYR A 616 8.27 -13.04 -30.04
N ARG A 617 9.24 -12.29 -29.47
CA ARG A 617 8.88 -11.03 -28.80
C ARG A 617 9.25 -9.87 -29.67
N ILE A 618 8.34 -8.91 -29.94
CA ILE A 618 8.77 -7.74 -30.69
C ILE A 618 8.76 -6.60 -29.71
N ILE A 619 9.78 -5.77 -29.73
CA ILE A 619 9.96 -4.68 -28.79
C ILE A 619 10.16 -3.39 -29.54
N PHE A 620 9.49 -2.30 -29.11
CA PHE A 620 9.72 -1.04 -29.76
C PHE A 620 9.39 0.09 -28.81
N LYS A 621 9.88 1.28 -29.14
CA LYS A 621 9.61 2.40 -28.27
C LYS A 621 8.31 3.04 -28.56
N ALA A 622 7.37 3.09 -27.59
CA ALA A 622 6.12 3.80 -27.88
C ALA A 622 6.22 5.21 -27.30
N ARG A 623 5.63 6.19 -27.96
CA ARG A 623 5.66 7.56 -27.46
C ARG A 623 4.18 7.95 -27.36
N VAL A 624 3.79 8.32 -26.14
CA VAL A 624 2.41 8.55 -25.85
C VAL A 624 2.13 9.88 -25.19
N PRO A 625 1.06 10.56 -25.63
CA PRO A 625 0.74 11.87 -25.04
C PRO A 625 0.40 11.79 -23.54
N PRO A 626 0.45 12.93 -22.87
CA PRO A 626 0.08 12.94 -21.46
C PRO A 626 -1.40 12.43 -21.39
N MET A 627 -1.69 11.56 -20.42
CA MET A 627 -3.06 11.01 -20.19
C MET A 627 -3.67 10.68 -21.53
N GLY A 628 -2.86 10.01 -22.41
CA GLY A 628 -3.34 9.86 -23.78
C GLY A 628 -3.10 8.46 -24.38
N LEU A 629 -3.29 8.36 -25.68
CA LEU A 629 -3.19 7.06 -26.38
C LEU A 629 -2.41 7.24 -27.65
N ALA A 630 -1.76 6.17 -28.08
CA ALA A 630 -1.04 6.25 -29.34
C ALA A 630 -1.20 4.87 -29.98
N THR A 631 -1.55 4.86 -31.27
CA THR A 631 -1.77 3.62 -32.05
C THR A 631 -0.59 3.24 -32.93
N TYR A 632 -0.24 1.94 -32.97
CA TYR A 632 0.83 1.44 -33.84
C TYR A 632 0.27 0.24 -34.62
N VAL A 633 0.96 -0.15 -35.70
CA VAL A 633 0.56 -1.26 -36.51
C VAL A 633 1.77 -2.20 -36.66
N LEU A 634 1.57 -3.48 -36.43
CA LEU A 634 2.61 -4.50 -36.62
C LEU A 634 2.21 -5.26 -37.90
N THR A 635 3.15 -5.38 -38.84
CA THR A 635 2.83 -5.96 -40.13
C THR A 635 3.86 -7.08 -40.41
N ILE A 636 3.41 -8.22 -40.93
CA ILE A 636 4.34 -9.32 -41.20
C ILE A 636 4.96 -9.15 -42.58
N SER A 637 6.16 -9.66 -42.82
CA SER A 637 6.68 -9.62 -44.18
C SER A 637 7.29 -11.00 -44.39
N ASP A 638 7.69 -11.34 -45.60
CA ASP A 638 8.19 -12.70 -45.72
C ASP A 638 9.67 -12.88 -45.35
N SER A 639 10.37 -11.78 -45.08
CA SER A 639 11.77 -11.86 -44.70
C SER A 639 12.12 -10.69 -43.78
N LYS A 640 13.39 -10.60 -43.38
CA LYS A 640 13.72 -9.54 -42.45
C LYS A 640 13.37 -8.14 -42.85
N PRO A 641 12.53 -7.49 -42.06
CA PRO A 641 12.16 -6.12 -42.37
C PRO A 641 13.32 -5.15 -42.12
N GLU A 642 13.31 -4.06 -42.86
CA GLU A 642 14.37 -3.06 -42.74
C GLU A 642 14.57 -2.45 -41.36
N HIS A 643 13.49 -2.17 -40.66
CA HIS A 643 13.64 -1.48 -39.36
C HIS A 643 13.49 -2.37 -38.10
N THR A 644 13.65 -3.67 -38.29
CA THR A 644 13.60 -4.61 -37.18
C THR A 644 14.97 -5.32 -37.10
N SER A 645 15.57 -5.33 -35.90
CA SER A 645 16.85 -6.02 -35.64
C SER A 645 16.51 -7.24 -34.81
N TYR A 646 17.48 -8.18 -34.71
CA TYR A 646 17.31 -9.43 -33.98
C TYR A 646 18.35 -9.57 -32.90
N ALA A 647 17.95 -9.91 -31.67
CA ALA A 647 18.92 -10.03 -30.61
C ALA A 647 19.81 -11.26 -30.76
N SER A 648 21.04 -11.19 -30.27
CA SER A 648 21.83 -12.42 -30.30
C SER A 648 21.55 -13.06 -28.94
N ASN A 649 21.76 -14.36 -28.84
CA ASN A 649 21.55 -15.05 -27.54
C ASN A 649 22.74 -15.94 -27.25
N LEU A 650 23.15 -15.94 -25.99
CA LEU A 650 24.32 -16.74 -25.56
C LEU A 650 23.98 -17.49 -24.29
N LEU A 651 23.99 -18.82 -24.35
CA LEU A 651 23.70 -19.67 -23.21
C LEU A 651 25.01 -20.12 -22.54
N LEU A 652 25.25 -19.75 -21.28
CA LEU A 652 26.47 -20.11 -20.63
C LEU A 652 26.23 -21.19 -19.61
N ARG A 653 26.80 -22.36 -19.89
CA ARG A 653 26.67 -23.49 -18.99
C ARG A 653 27.59 -24.57 -19.54
N LYS A 654 27.97 -25.48 -18.68
CA LYS A 654 28.80 -26.58 -19.11
C LYS A 654 27.79 -27.60 -19.66
N ASN A 655 28.18 -28.47 -20.56
CA ASN A 655 27.21 -29.50 -20.99
C ASN A 655 25.98 -28.90 -21.68
N PRO A 656 26.19 -28.09 -22.71
CA PRO A 656 25.00 -27.51 -23.34
C PRO A 656 24.40 -28.43 -24.38
N THR A 657 23.12 -28.23 -24.69
CA THR A 657 22.47 -28.95 -25.76
C THR A 657 21.89 -27.83 -26.67
N SER A 658 21.54 -28.18 -27.89
CA SER A 658 21.01 -27.26 -28.88
C SER A 658 19.69 -26.57 -28.39
N LEU A 659 19.45 -25.35 -28.90
CA LEU A 659 18.28 -24.53 -28.58
C LEU A 659 17.79 -23.95 -29.92
N PRO A 660 17.07 -24.77 -30.71
CA PRO A 660 16.59 -24.26 -32.01
C PRO A 660 15.44 -23.23 -31.72
N LEU A 661 15.25 -22.27 -32.62
CA LEU A 661 14.24 -21.23 -32.39
C LEU A 661 13.32 -21.00 -33.62
N GLY A 662 13.01 -22.06 -34.35
CA GLY A 662 12.15 -21.86 -35.54
C GLY A 662 12.70 -20.88 -36.57
N GLN A 663 11.90 -19.90 -37.00
CA GLN A 663 12.46 -19.02 -38.00
C GLN A 663 13.30 -17.90 -37.44
N TYR A 664 13.54 -17.88 -36.14
CA TYR A 664 14.35 -16.80 -35.57
C TYR A 664 15.64 -16.81 -36.39
N PRO A 665 16.03 -15.67 -36.94
CA PRO A 665 17.23 -15.56 -37.78
C PRO A 665 18.66 -15.65 -37.27
N GLU A 666 18.86 -15.62 -35.96
CA GLU A 666 20.21 -15.68 -35.35
C GLU A 666 20.27 -16.93 -34.50
N ASP A 667 21.28 -17.77 -34.76
CA ASP A 667 21.48 -19.00 -34.02
C ASP A 667 22.01 -18.71 -32.60
N VAL A 668 21.52 -19.44 -31.66
CA VAL A 668 21.95 -19.31 -30.29
C VAL A 668 23.38 -19.78 -30.18
N LYS A 669 24.19 -19.06 -29.39
CA LYS A 669 25.62 -19.41 -29.14
C LYS A 669 25.77 -19.98 -27.73
N PHE A 670 26.81 -20.81 -27.51
CA PHE A 670 27.02 -21.45 -26.20
C PHE A 670 28.41 -21.18 -25.68
N GLY A 671 28.63 -21.41 -24.40
CA GLY A 671 29.97 -21.19 -23.83
C GLY A 671 29.99 -21.62 -22.39
N ASP A 672 31.18 -21.76 -21.83
CA ASP A 672 31.29 -22.12 -20.43
C ASP A 672 30.99 -20.82 -19.65
N PRO A 673 30.51 -20.94 -18.42
CA PRO A 673 30.19 -19.77 -17.59
C PRO A 673 31.41 -18.83 -17.57
N ARG A 674 31.17 -17.53 -17.56
CA ARG A 674 32.25 -16.56 -17.53
C ARG A 674 31.67 -15.20 -17.25
N GLU A 675 32.52 -14.29 -16.79
CA GLU A 675 32.09 -12.93 -16.54
C GLU A 675 31.71 -12.27 -17.87
N ILE A 676 30.73 -11.37 -17.84
CA ILE A 676 30.33 -10.68 -19.04
C ILE A 676 30.01 -9.25 -18.69
N SER A 677 30.02 -8.41 -19.73
CA SER A 677 29.74 -6.98 -19.61
C SER A 677 28.79 -6.54 -20.70
N LEU A 678 27.79 -5.74 -20.37
CA LEU A 678 26.85 -5.28 -21.38
C LEU A 678 26.61 -3.78 -21.25
N ARG A 679 26.29 -3.19 -22.38
CA ARG A 679 25.93 -1.80 -22.43
C ARG A 679 24.86 -1.56 -23.50
N VAL A 680 23.70 -1.02 -23.11
CA VAL A 680 22.67 -0.69 -24.08
C VAL A 680 22.68 0.85 -24.27
N GLY A 681 22.59 1.28 -25.54
CA GLY A 681 22.61 2.72 -25.84
C GLY A 681 23.82 3.44 -25.23
N ASN A 682 23.54 4.60 -24.61
CA ASN A 682 24.58 5.39 -23.95
C ASN A 682 24.46 5.17 -22.45
N GLY A 683 23.69 4.15 -22.07
CA GLY A 683 23.42 3.92 -20.66
C GLY A 683 24.62 3.44 -19.94
N PRO A 684 24.45 2.89 -18.73
CA PRO A 684 25.58 2.39 -17.97
C PRO A 684 26.08 1.06 -18.55
N THR A 685 27.26 0.65 -18.14
CA THR A 685 27.84 -0.63 -18.55
C THR A 685 27.79 -1.42 -17.27
N LEU A 686 27.22 -2.61 -17.35
CA LEU A 686 27.06 -3.44 -16.22
C LEU A 686 27.92 -4.69 -16.41
N ALA A 687 28.55 -5.09 -15.32
CA ALA A 687 29.36 -6.26 -15.36
C ALA A 687 28.71 -7.31 -14.47
N PHE A 688 28.77 -8.54 -14.93
CA PHE A 688 28.20 -9.66 -14.21
C PHE A 688 29.23 -10.76 -13.92
N SER A 689 29.01 -11.45 -12.86
CA SER A 689 29.87 -12.53 -12.44
C SER A 689 29.50 -13.76 -13.30
N GLU A 690 30.35 -14.77 -13.28
CA GLU A 690 30.05 -15.97 -14.03
C GLU A 690 28.77 -16.67 -13.49
N GLN A 691 28.21 -16.21 -12.37
CA GLN A 691 26.93 -16.83 -11.93
C GLN A 691 25.77 -15.95 -12.40
N GLY A 692 26.06 -14.97 -13.24
CA GLY A 692 24.97 -14.19 -13.83
C GLY A 692 24.43 -13.10 -12.94
N LEU A 693 25.21 -12.75 -11.93
CA LEU A 693 24.77 -11.68 -10.99
C LEU A 693 25.57 -10.44 -11.14
N LEU A 694 24.92 -9.30 -11.02
CA LEU A 694 25.60 -8.02 -11.16
C LEU A 694 26.82 -7.92 -10.21
N LYS A 695 27.92 -7.34 -10.70
CA LYS A 695 29.08 -7.12 -9.81
C LYS A 695 29.49 -5.66 -9.90
N SER A 696 29.17 -4.93 -10.95
CA SER A 696 29.53 -3.50 -11.01
C SER A 696 28.75 -2.69 -12.01
N ILE A 697 28.69 -1.36 -11.81
CA ILE A 697 27.97 -0.48 -12.71
C ILE A 697 28.92 0.68 -12.99
N GLN A 698 29.06 0.95 -14.28
CA GLN A 698 29.88 2.03 -14.76
C GLN A 698 28.95 2.99 -15.42
N LEU A 699 28.79 4.18 -14.83
CA LEU A 699 27.83 5.12 -15.35
C LEU A 699 28.09 5.69 -16.71
N THR A 700 29.31 6.09 -16.98
CA THR A 700 29.62 6.66 -18.31
C THR A 700 30.92 6.03 -18.77
N GLN A 701 31.24 6.18 -20.06
CA GLN A 701 32.49 5.65 -20.65
C GLN A 701 33.73 5.69 -19.75
N ASP A 702 33.98 6.88 -19.20
CA ASP A 702 35.15 7.11 -18.34
C ASP A 702 35.12 6.70 -16.86
N SER A 703 33.99 6.94 -16.21
CA SER A 703 33.81 6.68 -14.79
C SER A 703 34.24 5.29 -14.33
N PRO A 704 34.44 5.12 -13.03
CA PRO A 704 34.84 3.84 -12.46
C PRO A 704 33.71 2.81 -12.52
N HIS A 705 34.10 1.55 -12.41
CA HIS A 705 33.21 0.41 -12.38
C HIS A 705 32.93 0.32 -10.89
N VAL A 706 31.81 0.92 -10.48
CA VAL A 706 31.46 0.97 -9.08
C VAL A 706 31.00 -0.40 -8.61
N PRO A 707 31.60 -0.99 -7.53
CA PRO A 707 31.16 -2.30 -7.07
C PRO A 707 29.70 -2.28 -6.59
N VAL A 708 28.83 -3.14 -7.14
CA VAL A 708 27.41 -3.19 -6.74
C VAL A 708 27.18 -4.68 -7.00
N HIS A 709 27.10 -5.45 -5.95
CA HIS A 709 26.94 -6.87 -6.14
C HIS A 709 25.56 -7.33 -5.67
N PHE A 710 24.91 -8.17 -6.46
CA PHE A 710 23.64 -8.77 -6.00
C PHE A 710 24.05 -10.17 -5.41
N LYS A 711 23.39 -10.57 -4.35
CA LYS A 711 23.63 -11.84 -3.73
C LYS A 711 22.30 -12.32 -3.17
N PHE A 712 22.04 -13.63 -3.16
CA PHE A 712 20.82 -14.18 -2.59
C PHE A 712 21.22 -14.96 -1.40
N LEU A 713 20.53 -14.70 -0.29
CA LEU A 713 20.80 -15.41 0.98
C LEU A 713 19.53 -15.96 1.57
N LYS A 714 19.65 -16.75 2.63
CA LYS A 714 18.49 -17.29 3.26
C LYS A 714 18.56 -17.16 4.74
N TYR A 715 17.39 -16.81 5.32
CA TYR A 715 17.23 -16.74 6.74
C TYR A 715 16.47 -18.00 7.10
N GLY A 716 16.72 -18.48 8.31
CA GLY A 716 16.03 -19.66 8.80
C GLY A 716 15.14 -19.31 9.97
N VAL A 717 14.72 -20.34 10.70
CA VAL A 717 13.83 -20.17 11.83
C VAL A 717 14.50 -20.75 13.10
N ARG A 718 14.19 -20.21 14.25
CA ARG A 718 14.84 -20.71 15.49
C ARG A 718 14.37 -22.07 15.85
N SER A 719 15.25 -22.96 16.32
CA SER A 719 14.76 -24.28 16.72
C SER A 719 14.26 -24.30 18.20
N HIS A 720 14.55 -23.28 18.98
CA HIS A 720 13.93 -23.23 20.30
C HIS A 720 13.48 -21.76 20.47
N GLY A 721 12.42 -21.57 21.23
CA GLY A 721 11.95 -20.22 21.42
C GLY A 721 10.88 -19.90 20.38
N ASP A 722 10.64 -18.60 20.16
CA ASP A 722 9.56 -18.18 19.29
C ASP A 722 9.88 -18.41 17.84
N ARG A 723 8.88 -18.87 17.10
CA ARG A 723 9.05 -19.15 15.68
C ARG A 723 8.47 -18.04 14.79
N SER A 724 9.14 -17.77 13.67
CA SER A 724 8.64 -16.84 12.68
C SER A 724 7.31 -17.38 12.12
N GLY A 725 6.42 -16.47 11.71
CA GLY A 725 5.14 -16.86 11.14
C GLY A 725 4.70 -15.76 10.17
N ALA A 726 3.42 -15.69 9.82
CA ALA A 726 2.99 -14.68 8.86
C ALA A 726 3.25 -13.22 9.36
N TYR A 727 3.23 -13.05 10.68
CA TYR A 727 3.43 -11.68 11.23
C TYR A 727 4.88 -11.41 11.62
N LEU A 728 5.42 -12.35 12.41
CA LEU A 728 6.76 -12.15 13.00
C LEU A 728 7.94 -12.64 12.21
N PHE A 729 9.02 -11.86 12.21
CA PHE A 729 10.24 -12.30 11.57
C PHE A 729 11.20 -12.56 12.80
N LEU A 730 11.57 -13.83 13.04
CA LEU A 730 12.45 -14.20 14.16
C LEU A 730 13.57 -15.06 13.59
N PRO A 731 14.49 -14.46 12.85
CA PRO A 731 15.57 -15.23 12.25
C PRO A 731 16.52 -15.92 13.21
N ASN A 732 17.08 -17.06 12.79
CA ASN A 732 18.06 -17.74 13.67
C ASN A 732 19.39 -17.19 13.23
N GLY A 733 19.56 -15.89 13.36
CA GLY A 733 20.81 -15.25 13.01
C GLY A 733 20.89 -14.63 11.62
N PRO A 734 22.01 -14.00 11.29
CA PRO A 734 22.20 -13.40 9.98
C PRO A 734 22.03 -14.47 8.91
N ALA A 735 21.70 -14.01 7.71
CA ALA A 735 21.42 -14.91 6.62
C ALA A 735 22.69 -15.56 6.08
N SER A 736 22.51 -16.75 5.52
CA SER A 736 23.56 -17.56 4.93
C SER A 736 23.40 -17.54 3.43
N PRO A 737 24.49 -17.49 2.68
CA PRO A 737 24.39 -17.47 1.20
C PRO A 737 23.65 -18.70 0.63
N VAL A 738 22.81 -18.49 -0.39
CA VAL A 738 22.16 -19.61 -1.08
C VAL A 738 23.36 -20.24 -1.87
N GLU A 739 23.47 -21.56 -1.80
CA GLU A 739 24.53 -22.26 -2.52
C GLU A 739 24.02 -22.29 -3.96
N LEU A 740 24.80 -21.69 -4.85
CA LEU A 740 24.39 -21.53 -6.24
C LEU A 740 24.71 -22.64 -7.21
N GLY A 741 25.71 -23.47 -6.90
CA GLY A 741 26.11 -24.52 -7.83
C GLY A 741 26.73 -23.84 -9.03
N GLN A 742 26.55 -24.35 -10.24
CA GLN A 742 27.10 -23.68 -11.45
C GLN A 742 25.81 -23.41 -12.29
N PRO A 743 25.10 -22.32 -11.98
CA PRO A 743 23.86 -22.03 -12.70
C PRO A 743 23.96 -21.69 -14.18
N VAL A 744 22.85 -21.94 -14.89
CA VAL A 744 22.80 -21.65 -16.32
C VAL A 744 22.51 -20.18 -16.47
N VAL A 745 23.28 -19.52 -17.31
CA VAL A 745 23.11 -18.10 -17.48
C VAL A 745 22.78 -17.81 -18.92
N LEU A 746 21.72 -17.06 -19.16
CA LEU A 746 21.32 -16.71 -20.50
C LEU A 746 21.53 -15.19 -20.74
N VAL A 747 22.24 -14.87 -21.81
CA VAL A 747 22.53 -13.50 -22.15
C VAL A 747 21.88 -13.20 -23.49
N THR A 748 21.03 -12.19 -23.52
CA THR A 748 20.42 -11.80 -24.77
C THR A 748 20.92 -10.40 -25.02
N LYS A 749 21.43 -10.14 -26.21
CA LYS A 749 21.97 -8.80 -26.46
C LYS A 749 21.30 -8.18 -27.65
N GLY A 750 20.69 -7.01 -27.45
CA GLY A 750 19.95 -6.41 -28.54
C GLY A 750 20.23 -4.96 -28.57
N LYS A 751 19.84 -4.32 -29.66
CA LYS A 751 20.10 -2.91 -29.79
C LYS A 751 19.17 -2.08 -28.91
N LEU A 752 17.95 -2.56 -28.70
CA LEU A 752 17.03 -1.79 -27.83
C LEU A 752 16.97 -2.34 -26.37
N GLU A 753 17.22 -3.63 -26.21
CA GLU A 753 17.12 -4.26 -24.93
C GLU A 753 18.07 -5.44 -24.82
N SER A 754 18.80 -5.54 -23.74
CA SER A 754 19.62 -6.70 -23.52
C SER A 754 19.30 -7.16 -22.11
N SER A 755 19.74 -8.37 -21.78
CA SER A 755 19.48 -8.88 -20.44
C SER A 755 20.40 -10.04 -20.08
N VAL A 756 20.50 -10.29 -18.79
CA VAL A 756 21.25 -11.43 -18.32
C VAL A 756 20.26 -12.10 -17.36
N SER A 757 19.98 -13.38 -17.59
CA SER A 757 19.06 -14.14 -16.76
C SER A 757 19.71 -15.39 -16.22
N VAL A 758 19.52 -15.72 -14.94
CA VAL A 758 20.19 -16.93 -14.41
C VAL A 758 19.21 -17.75 -13.59
N GLY A 759 19.26 -19.08 -13.75
CA GLY A 759 18.34 -19.93 -13.00
C GLY A 759 18.98 -20.34 -11.67
N LEU A 760 18.68 -19.62 -10.62
CA LEU A 760 19.21 -19.90 -9.30
C LEU A 760 18.24 -20.75 -8.56
N PRO A 761 18.66 -21.37 -7.45
CA PRO A 761 17.69 -22.20 -6.70
C PRO A 761 16.62 -21.21 -6.16
N SER A 762 15.37 -21.49 -6.46
CA SER A 762 14.22 -20.68 -6.07
C SER A 762 14.00 -19.34 -6.81
N VAL A 763 14.92 -18.96 -7.66
CA VAL A 763 14.77 -17.65 -8.30
C VAL A 763 15.34 -17.54 -9.70
N VAL A 764 14.53 -17.20 -10.70
CA VAL A 764 15.16 -16.95 -12.00
C VAL A 764 15.37 -15.42 -11.85
N HIS A 765 16.63 -15.01 -11.85
CA HIS A 765 17.01 -13.58 -11.57
C HIS A 765 17.35 -12.98 -12.91
N GLN A 766 16.81 -11.81 -13.26
CA GLN A 766 17.03 -11.23 -14.58
C GLN A 766 17.37 -9.79 -14.44
N THR A 767 18.40 -9.38 -15.15
CA THR A 767 18.81 -7.96 -15.16
C THR A 767 18.56 -7.53 -16.59
N ILE A 768 17.67 -6.55 -16.75
CA ILE A 768 17.26 -6.06 -18.08
C ILE A 768 17.74 -4.65 -18.29
N MET A 769 18.38 -4.43 -19.42
CA MET A 769 18.94 -3.12 -19.74
C MET A 769 18.32 -2.51 -21.00
N ARG A 770 17.82 -1.28 -20.88
CA ARG A 770 17.22 -0.62 -22.03
C ARG A 770 17.82 0.76 -22.26
N GLY A 771 18.92 1.01 -21.60
CA GLY A 771 19.60 2.28 -21.80
C GLY A 771 19.66 3.17 -20.59
N GLY A 772 18.90 2.85 -19.54
CA GLY A 772 18.96 3.66 -18.33
C GLY A 772 19.24 2.71 -17.17
N ALA A 773 18.72 3.04 -16.00
CA ALA A 773 18.91 2.20 -14.85
C ALA A 773 18.32 0.86 -15.24
N PRO A 774 18.94 -0.21 -14.85
CA PRO A 774 18.41 -1.54 -15.24
C PRO A 774 17.11 -1.84 -14.49
N GLU A 775 16.39 -2.79 -15.05
CA GLU A 775 15.18 -3.32 -14.44
C GLU A 775 15.59 -4.72 -13.96
N ILE A 776 15.21 -5.05 -12.73
CA ILE A 776 15.57 -6.40 -12.24
C ILE A 776 14.25 -7.12 -12.13
N ARG A 777 14.19 -8.39 -12.55
CA ARG A 777 12.95 -9.16 -12.31
C ARG A 777 13.37 -10.50 -11.71
N ASN A 778 12.67 -10.89 -10.66
CA ASN A 778 12.90 -12.13 -10.02
C ASN A 778 11.67 -13.00 -10.10
N LEU A 779 11.79 -14.18 -10.71
CA LEU A 779 10.65 -15.11 -10.73
C LEU A 779 10.98 -15.99 -9.51
N VAL A 780 10.28 -15.75 -8.42
CA VAL A 780 10.55 -16.38 -7.14
C VAL A 780 9.63 -17.59 -6.87
N ASP A 781 10.23 -18.77 -6.79
CA ASP A 781 9.43 -19.98 -6.46
C ASP A 781 10.18 -20.68 -5.36
N ILE A 782 9.78 -20.40 -4.14
CA ILE A 782 10.43 -20.97 -2.94
C ILE A 782 10.02 -22.44 -2.80
N GLY A 783 9.11 -22.88 -3.65
CA GLY A 783 8.82 -24.31 -3.73
C GLY A 783 8.59 -24.98 -2.41
N SER A 784 9.31 -26.04 -2.09
CA SER A 784 9.01 -26.59 -0.75
C SER A 784 10.13 -26.40 0.31
N LEU A 785 10.91 -25.33 0.17
CA LEU A 785 11.98 -25.06 1.14
C LEU A 785 11.33 -24.57 2.40
N ASP A 786 10.99 -25.49 3.29
CA ASP A 786 10.36 -25.07 4.53
C ASP A 786 11.25 -24.21 5.47
N ASN A 787 10.58 -23.36 6.25
CA ASN A 787 11.27 -22.48 7.21
C ASN A 787 12.44 -21.76 6.60
N THR A 788 12.18 -21.15 5.47
CA THR A 788 13.23 -20.40 4.79
C THR A 788 12.70 -19.05 4.34
N GLU A 789 13.52 -18.01 4.44
CA GLU A 789 13.15 -16.68 3.91
C GLU A 789 14.24 -16.34 2.94
N ILE A 790 13.88 -16.05 1.70
CA ILE A 790 14.87 -15.72 0.70
C ILE A 790 15.01 -14.20 0.60
N VAL A 791 16.24 -13.73 0.71
CA VAL A 791 16.52 -12.29 0.66
C VAL A 791 17.46 -11.97 -0.49
N MET A 792 17.20 -10.84 -1.14
CA MET A 792 18.06 -10.35 -2.22
C MET A 792 18.83 -9.19 -1.58
N ARG A 793 20.16 -9.29 -1.61
CA ARG A 793 20.99 -8.24 -1.02
C ARG A 793 21.87 -7.60 -2.07
N LEU A 794 22.11 -6.31 -1.89
CA LEU A 794 23.05 -5.54 -2.72
C LEU A 794 24.27 -5.18 -1.77
N GLU A 795 25.49 -5.46 -2.19
CA GLU A 795 26.72 -5.10 -1.43
C GLU A 795 27.46 -4.01 -2.22
N THR A 796 27.69 -2.85 -1.60
CA THR A 796 28.42 -1.80 -2.25
C THR A 796 29.49 -1.30 -1.28
N HIS A 797 30.26 -0.34 -1.74
CA HIS A 797 31.26 0.22 -0.87
C HIS A 797 30.83 1.62 -0.40
N ILE A 798 29.55 1.98 -0.64
CA ILE A 798 28.99 3.26 -0.23
C ILE A 798 29.14 3.36 1.25
N ASP A 799 29.65 4.49 1.72
CA ASP A 799 29.89 4.66 3.14
C ASP A 799 28.64 5.22 3.83
N SER A 800 27.60 4.39 3.91
CA SER A 800 26.34 4.84 4.48
C SER A 800 26.31 4.71 6.01
N GLY A 801 27.20 3.92 6.58
CA GLY A 801 27.26 3.76 8.02
C GLY A 801 26.06 3.02 8.53
N ASP A 802 25.30 3.67 9.42
CA ASP A 802 24.12 3.05 9.96
C ASP A 802 22.81 3.71 9.43
N ILE A 803 22.91 4.53 8.39
CA ILE A 803 21.74 5.23 7.83
C ILE A 803 21.22 4.64 6.52
N PHE A 804 19.91 4.62 6.34
CA PHE A 804 19.35 4.21 5.07
C PHE A 804 17.95 4.86 5.02
N TYR A 805 17.35 4.85 3.84
CA TYR A 805 16.05 5.46 3.69
C TYR A 805 15.08 4.44 3.08
N THR A 806 13.83 4.49 3.57
CA THR A 806 12.80 3.63 3.02
C THR A 806 11.55 4.53 2.84
N ASP A 807 10.62 4.15 1.99
CA ASP A 807 9.44 4.99 1.84
C ASP A 807 8.29 4.57 2.71
N LEU A 808 7.36 5.51 2.82
CA LEU A 808 6.13 5.23 3.54
C LEU A 808 5.00 5.36 2.54
N ASN A 809 4.37 4.22 2.20
CA ASN A 809 3.16 4.19 1.32
C ASN A 809 3.34 4.81 -0.01
N GLY A 810 4.58 4.75 -0.52
CA GLY A 810 4.77 5.31 -1.84
C GLY A 810 4.65 6.84 -1.86
N LEU A 811 4.62 7.44 -0.69
CA LEU A 811 4.40 8.90 -0.58
C LEU A 811 5.59 9.73 -0.18
N GLN A 812 6.46 9.19 0.69
CA GLN A 812 7.56 10.01 1.20
C GLN A 812 8.63 9.06 1.63
N PHE A 813 9.86 9.57 1.68
CA PHE A 813 10.98 8.72 2.13
C PHE A 813 11.45 9.20 3.50
N ILE A 814 11.64 8.25 4.39
CA ILE A 814 11.97 8.59 5.76
C ILE A 814 13.36 8.00 6.10
N LYS A 815 14.14 8.77 6.81
CA LYS A 815 15.46 8.34 7.23
C LYS A 815 15.38 7.27 8.31
N ARG A 816 16.11 6.15 8.13
CA ARG A 816 16.18 5.08 9.07
C ARG A 816 17.58 5.02 9.63
N ARG A 817 17.69 4.60 10.89
CA ARG A 817 19.05 4.41 11.45
C ARG A 817 19.06 3.00 12.02
N ARG A 818 19.97 2.17 11.47
CA ARG A 818 20.17 0.84 11.96
C ARG A 818 20.65 0.97 13.41
N LEU A 819 20.03 0.20 14.30
CA LEU A 819 20.34 0.26 15.74
C LEU A 819 20.82 -1.12 16.19
N ASP A 820 22.11 -1.22 16.53
CA ASP A 820 22.61 -2.52 16.93
C ASP A 820 22.10 -2.87 18.33
N LYS A 821 21.51 -1.91 19.04
CA LYS A 821 20.94 -2.25 20.35
C LYS A 821 19.62 -3.02 20.17
N LEU A 822 19.12 -3.10 18.94
CA LEU A 822 17.89 -3.87 18.65
C LEU A 822 18.24 -5.08 17.82
N PRO A 823 17.44 -6.16 17.94
CA PRO A 823 17.69 -7.38 17.17
C PRO A 823 17.52 -7.12 15.67
N LEU A 824 18.12 -8.00 14.86
CA LEU A 824 18.09 -7.88 13.41
C LEU A 824 16.64 -7.55 12.88
N GLN A 825 15.65 -8.27 13.38
CA GLN A 825 14.29 -8.09 12.83
C GLN A 825 13.66 -6.73 13.09
N ALA A 826 14.16 -6.05 14.11
CA ALA A 826 13.66 -4.70 14.44
C ALA A 826 14.20 -3.71 13.42
N ASN A 827 15.31 -4.07 12.76
CA ASN A 827 15.91 -3.14 11.80
C ASN A 827 15.34 -3.33 10.39
N TYR A 828 14.39 -4.26 10.27
CA TYR A 828 13.64 -4.44 9.03
C TYR A 828 12.50 -3.44 9.04
N TYR A 829 12.24 -2.83 7.88
CA TYR A 829 11.17 -1.83 7.74
C TYR A 829 10.40 -2.12 6.46
N PRO A 830 9.19 -1.57 6.37
CA PRO A 830 8.45 -1.84 5.12
C PRO A 830 9.18 -1.15 3.94
N ILE A 831 9.21 -1.82 2.78
CA ILE A 831 9.75 -1.21 1.56
C ILE A 831 8.54 -1.18 0.59
N PRO A 832 7.57 -0.29 0.82
CA PRO A 832 6.39 -0.29 -0.07
C PRO A 832 6.70 0.07 -1.51
N SER A 833 7.74 0.86 -1.75
CA SER A 833 8.07 1.18 -3.16
C SER A 833 9.53 1.56 -3.41
N GLY A 834 10.31 1.78 -2.36
CA GLY A 834 11.73 2.09 -2.61
C GLY A 834 12.54 2.25 -1.36
N MET A 835 13.84 2.14 -1.54
CA MET A 835 14.78 2.28 -0.45
C MET A 835 16.15 2.74 -1.09
N PHE A 836 16.95 3.39 -0.26
CA PHE A 836 18.24 3.83 -0.73
C PHE A 836 19.24 4.04 0.36
N ILE A 837 20.52 3.98 -0.06
CA ILE A 837 21.62 4.30 0.81
C ILE A 837 22.49 5.31 0.11
N GLU A 838 23.12 6.18 0.87
CA GLU A 838 24.02 7.13 0.22
C GLU A 838 25.16 7.61 1.13
N ASP A 839 26.20 8.19 0.52
CA ASP A 839 27.25 8.84 1.33
C ASP A 839 27.36 10.23 0.72
N ALA A 840 28.47 10.92 0.97
CA ALA A 840 28.57 12.26 0.43
C ALA A 840 28.51 12.31 -1.10
N ASN A 841 28.91 11.23 -1.73
CA ASN A 841 29.01 11.27 -3.19
C ASN A 841 28.13 10.36 -4.03
N THR A 842 27.83 9.22 -3.44
CA THR A 842 27.13 8.19 -4.19
C THR A 842 25.86 7.71 -3.51
N ARG A 843 24.84 7.46 -4.33
CA ARG A 843 23.55 6.88 -3.79
C ARG A 843 23.18 5.65 -4.64
N LEU A 844 22.60 4.64 -4.00
CA LEU A 844 22.08 3.50 -4.77
C LEU A 844 20.63 3.46 -4.33
N THR A 845 19.70 3.52 -5.29
CA THR A 845 18.25 3.45 -4.93
C THR A 845 17.66 2.16 -5.58
N LEU A 846 16.91 1.40 -4.82
CA LEU A 846 16.26 0.21 -5.37
C LEU A 846 14.74 0.54 -5.31
N LEU A 847 14.09 0.67 -6.47
CA LEU A 847 12.64 0.99 -6.52
C LEU A 847 11.92 -0.38 -6.69
N THR A 848 10.71 -0.53 -6.15
CA THR A 848 10.02 -1.83 -6.25
C THR A 848 8.62 -1.71 -6.88
N GLY A 849 8.18 -2.81 -7.48
CA GLY A 849 6.85 -2.87 -8.10
C GLY A 849 5.92 -3.61 -7.15
N GLN A 850 6.37 -3.84 -5.91
CA GLN A 850 5.52 -4.51 -4.93
C GLN A 850 6.11 -4.19 -3.51
N PRO A 851 5.26 -4.22 -2.47
CA PRO A 851 5.82 -3.94 -1.13
C PRO A 851 6.44 -5.22 -0.60
N LEU A 852 7.63 -5.07 -0.04
CA LEU A 852 8.34 -6.19 0.57
C LEU A 852 9.10 -5.66 1.82
N GLY A 853 9.62 -6.53 2.65
CA GLY A 853 10.33 -5.95 3.78
C GLY A 853 11.83 -5.86 3.51
N GLY A 854 12.51 -4.90 4.16
CA GLY A 854 13.93 -4.82 3.86
C GLY A 854 14.73 -4.03 4.87
N SER A 855 16.05 -3.90 4.66
CA SER A 855 16.87 -3.16 5.61
C SER A 855 18.20 -2.87 4.99
N SER A 856 19.08 -2.27 5.81
CA SER A 856 20.50 -2.06 5.46
C SER A 856 21.20 -2.55 6.76
N LEU A 857 21.65 -3.82 6.78
CA LEU A 857 22.21 -4.38 8.00
C LEU A 857 23.71 -4.10 8.22
N ALA A 858 24.34 -3.47 7.25
CA ALA A 858 25.75 -3.10 7.34
C ALA A 858 25.95 -1.96 6.37
N SER A 859 26.94 -1.12 6.66
CA SER A 859 27.21 0.02 5.82
C SER A 859 27.42 -0.50 4.39
N GLY A 860 26.88 0.25 3.41
CA GLY A 860 26.96 -0.12 2.03
C GLY A 860 25.99 -1.20 1.52
N GLU A 861 25.13 -1.73 2.38
CA GLU A 861 24.21 -2.76 1.93
C GLU A 861 22.73 -2.34 1.82
N LEU A 862 21.99 -3.07 0.99
CA LEU A 862 20.51 -2.87 0.94
C LEU A 862 20.05 -4.30 0.83
N GLU A 863 18.96 -4.66 1.48
CA GLU A 863 18.52 -6.04 1.20
C GLU A 863 16.96 -6.00 1.28
N ILE A 864 16.32 -6.93 0.58
CA ILE A 864 14.85 -6.94 0.53
C ILE A 864 14.44 -8.38 0.35
N MET A 865 13.54 -8.77 1.23
CA MET A 865 13.06 -10.17 1.25
C MET A 865 12.15 -10.45 0.03
N GLN A 866 12.31 -11.63 -0.61
CA GLN A 866 11.56 -12.02 -1.76
C GLN A 866 10.34 -12.91 -1.41
N ASP A 867 10.48 -13.88 -0.51
CA ASP A 867 9.36 -14.74 -0.11
C ASP A 867 9.81 -15.43 1.14
N ARG A 868 8.85 -15.97 1.87
CA ARG A 868 9.19 -16.63 3.10
C ARG A 868 8.16 -17.78 3.22
N ARG A 869 8.66 -18.96 3.64
CA ARG A 869 7.78 -20.17 3.74
C ARG A 869 8.09 -20.66 5.13
N LEU A 870 7.08 -20.60 5.97
CA LEU A 870 7.21 -20.89 7.38
C LEU A 870 6.26 -22.01 7.79
N ALA A 871 6.84 -23.04 8.40
CA ALA A 871 6.02 -24.18 8.85
C ALA A 871 5.20 -23.87 10.11
N SER A 872 5.66 -22.94 10.92
CA SER A 872 4.90 -22.72 12.17
C SER A 872 4.02 -21.52 12.30
N ASP A 873 3.04 -21.63 13.19
CA ASP A 873 2.15 -20.49 13.52
C ASP A 873 2.95 -19.62 14.51
N ASP A 874 2.77 -18.28 14.49
CA ASP A 874 3.51 -17.40 15.38
C ASP A 874 2.65 -16.82 16.51
N GLU A 875 1.64 -17.58 16.90
CA GLU A 875 0.92 -17.23 18.08
C GLU A 875 0.19 -15.90 18.12
N ARG A 876 -0.29 -15.42 16.96
CA ARG A 876 -1.06 -14.18 16.96
C ARG A 876 -2.49 -14.48 16.51
N GLY A 877 -2.86 -15.76 16.47
CA GLY A 877 -4.23 -16.08 16.12
C GLY A 877 -4.52 -16.62 14.72
N LEU A 878 -3.54 -16.60 13.81
CA LEU A 878 -3.77 -17.06 12.43
C LEU A 878 -3.99 -18.58 12.43
N GLY A 879 -3.27 -19.25 13.32
CA GLY A 879 -3.44 -20.70 13.46
C GLY A 879 -2.86 -21.53 12.33
N GLN A 880 -1.87 -21.00 11.60
CA GLN A 880 -1.23 -21.80 10.54
C GLN A 880 0.07 -21.07 10.19
N GLY A 881 0.95 -21.73 9.47
CA GLY A 881 2.13 -21.03 9.03
C GLY A 881 1.83 -20.48 7.61
N VAL A 882 2.89 -20.28 6.84
CA VAL A 882 2.77 -19.78 5.49
C VAL A 882 3.37 -20.85 4.58
N LEU A 883 2.51 -21.68 4.04
CA LEU A 883 2.97 -22.79 3.17
C LEU A 883 2.23 -22.78 1.85
N ASP A 884 1.58 -21.68 1.51
CA ASP A 884 0.81 -21.56 0.26
C ASP A 884 1.50 -20.68 -0.81
N ASN A 885 2.83 -20.66 -0.73
CA ASN A 885 3.61 -19.90 -1.65
C ASN A 885 3.32 -20.28 -3.07
N LYS A 886 3.40 -19.30 -3.96
CA LYS A 886 3.28 -19.60 -5.38
C LYS A 886 4.25 -18.73 -6.14
N PRO A 887 4.62 -19.13 -7.38
CA PRO A 887 5.56 -18.31 -8.13
C PRO A 887 5.11 -16.88 -8.26
N VAL A 888 6.02 -15.95 -8.01
CA VAL A 888 5.66 -14.57 -8.16
C VAL A 888 6.77 -13.88 -8.92
N LEU A 889 6.40 -12.93 -9.79
CA LEU A 889 7.41 -12.14 -10.53
C LEU A 889 7.58 -10.76 -9.88
N HIS A 890 8.66 -10.57 -9.11
CA HIS A 890 8.96 -9.29 -8.46
C HIS A 890 9.71 -8.41 -9.43
N ILE A 891 9.42 -7.12 -9.47
CA ILE A 891 10.12 -6.25 -10.40
C ILE A 891 10.70 -5.06 -9.64
N TYR A 892 11.82 -4.57 -10.17
CA TYR A 892 12.52 -3.44 -9.55
C TYR A 892 13.26 -2.62 -10.59
N ARG A 893 13.71 -1.43 -10.15
CA ARG A 893 14.64 -0.64 -11.00
C ARG A 893 15.83 -0.35 -10.03
N LEU A 894 17.07 -0.42 -10.53
CA LEU A 894 18.24 -0.24 -9.65
C LEU A 894 18.95 1.01 -10.17
N VAL A 895 18.94 2.07 -9.38
CA VAL A 895 19.51 3.35 -9.83
C VAL A 895 20.76 3.72 -9.01
N LEU A 896 21.91 3.72 -9.65
CA LEU A 896 23.15 4.10 -8.98
C LEU A 896 23.37 5.53 -9.51
N GLU A 897 23.59 6.48 -8.60
CA GLU A 897 23.78 7.87 -9.07
C GLU A 897 24.85 8.62 -8.26
N LYS A 898 25.42 9.68 -8.83
CA LYS A 898 26.35 10.54 -8.09
C LYS A 898 25.41 11.62 -7.53
N VAL A 899 25.55 11.92 -6.24
CA VAL A 899 24.68 12.92 -5.60
C VAL A 899 25.51 14.05 -4.91
N ASN A 900 26.81 14.09 -5.17
CA ASN A 900 27.61 15.12 -4.47
C ASN A 900 27.14 16.56 -4.88
N ASN A 901 26.48 16.71 -6.00
CA ASN A 901 26.03 18.03 -6.37
C ASN A 901 24.59 18.30 -5.97
N CYS A 902 23.90 17.32 -5.41
CA CYS A 902 22.49 17.50 -5.08
C CYS A 902 22.30 18.32 -3.83
N VAL A 903 21.29 19.16 -3.85
CA VAL A 903 20.98 19.94 -2.65
C VAL A 903 20.15 19.01 -1.76
N ARG A 904 20.76 18.48 -0.71
CA ARG A 904 20.10 17.54 0.21
C ARG A 904 19.74 18.15 1.53
N PRO A 905 18.82 17.51 2.25
CA PRO A 905 18.44 18.04 3.57
C PRO A 905 19.68 17.97 4.48
N SER A 906 19.71 18.80 5.54
CA SER A 906 20.87 18.71 6.44
C SER A 906 20.91 17.38 7.21
N LYS A 907 21.99 17.16 7.95
CA LYS A 907 22.10 15.90 8.69
C LYS A 907 21.02 15.65 9.71
N LEU A 908 20.40 16.69 10.23
CA LEU A 908 19.36 16.52 11.23
C LEU A 908 17.93 16.36 10.68
N HIS A 909 17.77 16.52 9.38
CA HIS A 909 16.42 16.44 8.76
C HIS A 909 15.99 14.96 8.74
N PRO A 910 14.77 14.67 9.17
CA PRO A 910 14.33 13.26 9.15
C PRO A 910 13.91 12.70 7.78
N ALA A 911 13.86 13.53 6.72
CA ALA A 911 13.43 13.02 5.43
C ALA A 911 14.54 12.89 4.42
N GLY A 912 14.20 12.19 3.33
CA GLY A 912 15.09 12.03 2.20
C GLY A 912 14.21 12.25 0.98
N TYR A 913 14.80 12.52 -0.19
CA TYR A 913 14.02 12.77 -1.41
C TYR A 913 14.68 12.08 -2.59
N LEU A 914 13.88 11.64 -3.55
CA LEU A 914 14.44 10.97 -4.75
C LEU A 914 14.95 12.01 -5.75
N THR A 915 15.76 11.50 -6.70
CA THR A 915 16.23 12.26 -7.80
C THR A 915 15.14 12.04 -8.86
N SER A 916 15.23 12.85 -9.90
CA SER A 916 14.32 12.73 -11.01
C SER A 916 14.40 11.32 -11.63
N ALA A 917 15.63 10.79 -11.78
CA ALA A 917 15.71 9.45 -12.42
C ALA A 917 15.07 8.39 -11.55
N ALA A 918 15.31 8.45 -10.23
CA ALA A 918 14.74 7.42 -9.37
C ALA A 918 13.22 7.50 -9.35
N HIS A 919 12.73 8.74 -9.33
CA HIS A 919 11.26 8.93 -9.35
C HIS A 919 10.69 8.42 -10.68
N LYS A 920 11.30 8.75 -11.83
CA LYS A 920 10.73 8.23 -13.05
C LYS A 920 10.82 6.67 -13.09
N ALA A 921 11.89 6.09 -12.50
CA ALA A 921 12.03 4.59 -12.51
C ALA A 921 10.90 4.03 -11.65
N SER A 922 10.58 4.68 -10.53
CA SER A 922 9.47 4.16 -9.71
C SER A 922 8.17 4.21 -10.54
N GLN A 923 7.93 5.33 -11.23
CA GLN A 923 6.72 5.44 -12.07
C GLN A 923 6.67 4.38 -13.18
N SER A 924 7.85 3.98 -13.69
CA SER A 924 7.90 2.95 -14.76
C SER A 924 7.47 1.60 -14.20
N LEU A 925 7.65 1.40 -12.88
CA LEU A 925 7.22 0.13 -12.28
C LEU A 925 5.74 0.19 -11.89
N LEU A 926 5.33 1.29 -11.30
CA LEU A 926 3.96 1.33 -10.78
C LEU A 926 2.95 1.74 -11.79
N ASP A 927 3.32 2.58 -12.75
CA ASP A 927 2.27 3.05 -13.74
C ASP A 927 2.84 3.06 -15.16
N PRO A 928 3.14 1.87 -15.68
CA PRO A 928 3.69 1.63 -17.00
C PRO A 928 2.64 1.99 -18.02
N LEU A 929 3.07 2.05 -19.28
CA LEU A 929 2.10 2.25 -20.35
C LEU A 929 1.21 0.98 -20.33
N ASP A 930 -0.07 1.13 -20.66
CA ASP A 930 -0.99 -0.02 -20.82
C ASP A 930 -0.97 -0.39 -22.30
N LYS A 931 -1.08 -1.67 -22.60
CA LYS A 931 -1.01 -2.09 -24.00
C LYS A 931 -2.25 -2.80 -24.39
N PHE A 932 -2.80 -2.43 -25.55
CA PHE A 932 -4.01 -3.06 -26.00
C PHE A 932 -3.85 -3.67 -27.39
N ILE A 933 -4.33 -4.89 -27.63
CA ILE A 933 -4.23 -5.51 -28.96
C ILE A 933 -5.64 -5.55 -29.57
N PHE A 934 -5.81 -5.00 -30.78
CA PHE A 934 -7.15 -4.98 -31.39
C PHE A 934 -7.56 -6.43 -31.66
N ALA A 935 -8.77 -6.78 -31.25
CA ALA A 935 -9.16 -8.21 -31.33
C ALA A 935 -9.66 -8.72 -32.67
N GLU A 936 -10.34 -7.89 -33.46
CA GLU A 936 -10.87 -8.36 -34.75
C GLU A 936 -9.85 -8.14 -35.88
N ASN A 937 -10.21 -8.51 -37.12
CA ASN A 937 -9.20 -8.37 -38.13
C ASN A 937 -9.03 -6.98 -38.60
N GLU A 938 -10.10 -6.20 -38.63
CA GLU A 938 -9.95 -4.83 -39.11
C GLU A 938 -10.66 -3.81 -38.20
N TRP A 939 -10.00 -2.68 -37.97
CA TRP A 939 -10.57 -1.68 -37.07
C TRP A 939 -10.98 -0.52 -37.95
N ILE A 940 -12.25 -0.45 -38.32
CA ILE A 940 -12.70 0.67 -39.21
C ILE A 940 -12.83 1.98 -38.44
N GLY A 941 -12.36 3.09 -38.98
CA GLY A 941 -12.50 4.35 -38.28
C GLY A 941 -11.38 4.60 -37.25
N ALA A 942 -10.35 3.72 -37.22
CA ALA A 942 -9.24 3.84 -36.29
C ALA A 942 -8.47 5.15 -36.38
N GLN A 943 -8.16 5.75 -35.25
CA GLN A 943 -7.41 6.99 -35.22
C GLN A 943 -6.07 6.73 -34.57
N GLY A 944 -5.10 7.59 -34.83
CA GLY A 944 -3.77 7.31 -34.33
C GLY A 944 -3.38 7.86 -33.01
N GLN A 945 -4.18 8.78 -32.47
CA GLN A 945 -3.71 9.32 -31.21
C GLN A 945 -4.84 10.02 -30.49
N PHE A 946 -4.74 10.05 -29.16
CA PHE A 946 -5.68 10.80 -28.32
C PHE A 946 -4.85 11.54 -27.30
N GLY A 947 -5.20 12.80 -27.01
CA GLY A 947 -4.52 13.56 -26.00
C GLY A 947 -3.32 14.36 -26.42
N GLY A 948 -3.05 14.48 -27.72
CA GLY A 948 -1.90 15.23 -28.16
C GLY A 948 -1.97 16.65 -27.70
N ASP A 949 -3.16 17.16 -27.39
CA ASP A 949 -3.23 18.55 -26.92
C ASP A 949 -3.28 18.66 -25.38
N HIS A 950 -3.21 17.52 -24.68
CA HIS A 950 -3.18 17.57 -23.18
C HIS A 950 -1.86 18.21 -22.73
N PRO A 951 -1.89 19.04 -21.68
CA PRO A 951 -0.67 19.70 -21.19
C PRO A 951 0.26 18.67 -20.65
N SER A 952 1.55 18.85 -20.91
CA SER A 952 2.58 17.91 -20.42
C SER A 952 3.16 18.61 -19.19
N ALA A 953 2.70 18.16 -18.01
CA ALA A 953 3.08 18.81 -16.75
C ALA A 953 4.50 18.53 -16.28
N ARG A 954 4.98 19.40 -15.41
CA ARG A 954 6.29 19.22 -14.79
C ARG A 954 6.41 17.82 -14.17
N GLU A 955 7.62 17.25 -14.27
CA GLU A 955 7.84 15.87 -13.90
C GLU A 955 7.50 15.48 -12.48
N ASP A 956 7.46 16.43 -11.57
CA ASP A 956 7.14 16.05 -10.17
C ASP A 956 5.65 16.10 -9.86
N LEU A 957 4.84 16.44 -10.85
CA LEU A 957 3.38 16.49 -10.66
C LEU A 957 2.71 15.26 -11.23
N ASP A 958 1.74 14.69 -10.52
CA ASP A 958 0.98 13.58 -11.07
C ASP A 958 -0.51 13.84 -10.93
N VAL A 959 -1.32 13.37 -11.88
CA VAL A 959 -2.78 13.38 -11.71
C VAL A 959 -2.97 11.96 -11.13
N SER A 960 -2.95 11.83 -9.81
CA SER A 960 -3.07 10.52 -9.17
C SER A 960 -4.39 9.85 -9.46
N VAL A 961 -5.43 10.67 -9.51
CA VAL A 961 -6.77 10.14 -9.79
C VAL A 961 -7.48 11.12 -10.75
N MET A 962 -8.18 10.52 -11.70
CA MET A 962 -9.07 11.27 -12.55
C MET A 962 -10.32 10.41 -12.48
N ARG A 963 -11.40 11.00 -11.97
CA ARG A 963 -12.64 10.23 -11.83
C ARG A 963 -13.89 11.04 -12.14
N ARG A 964 -14.68 10.59 -13.11
CA ARG A 964 -15.95 11.30 -13.41
C ARG A 964 -16.86 10.93 -12.21
N LEU A 965 -17.46 11.95 -11.60
CA LEU A 965 -18.25 11.74 -10.36
C LEU A 965 -19.76 11.68 -10.60
N THR A 966 -20.18 11.97 -11.85
CA THR A 966 -21.60 11.98 -12.22
C THR A 966 -21.97 10.96 -13.28
N LYS A 967 -23.18 10.43 -13.18
CA LYS A 967 -23.71 9.50 -14.17
C LYS A 967 -24.29 10.38 -15.35
N SER A 968 -24.63 9.74 -16.47
CA SER A 968 -25.00 10.48 -17.68
C SER A 968 -26.27 11.30 -17.57
N SER A 969 -27.14 10.93 -16.66
CA SER A 969 -28.41 11.69 -16.49
C SER A 969 -28.24 13.02 -15.75
N ALA A 970 -27.04 13.29 -15.16
CA ALA A 970 -26.80 14.56 -14.47
C ALA A 970 -26.64 15.71 -15.47
N LYS A 971 -27.46 16.74 -15.34
CA LYS A 971 -27.37 17.89 -16.25
C LYS A 971 -26.02 18.51 -16.09
N THR A 972 -25.53 18.60 -14.85
CA THR A 972 -24.20 19.17 -14.71
C THR A 972 -23.20 18.05 -14.41
N GLN A 973 -22.31 17.80 -15.35
CA GLN A 973 -21.31 16.76 -15.16
C GLN A 973 -20.20 17.24 -14.26
N ARG A 974 -19.66 16.34 -13.45
CA ARG A 974 -18.56 16.68 -12.58
C ARG A 974 -17.44 15.68 -12.68
N VAL A 975 -16.23 16.20 -12.71
CA VAL A 975 -15.07 15.32 -12.80
C VAL A 975 -14.09 15.72 -11.71
N GLY A 976 -13.66 14.70 -10.97
CA GLY A 976 -12.72 14.93 -9.88
C GLY A 976 -11.30 14.52 -10.23
N TYR A 977 -10.39 15.29 -9.69
CA TYR A 977 -8.97 15.04 -9.87
C TYR A 977 -8.22 15.11 -8.57
N VAL A 978 -7.31 14.17 -8.35
CA VAL A 978 -6.41 14.25 -7.20
C VAL A 978 -5.01 14.55 -7.80
N LEU A 979 -4.44 15.69 -7.41
CA LEU A 979 -3.14 16.13 -7.93
C LEU A 979 -2.10 15.94 -6.83
N HIS A 980 -1.00 15.29 -7.15
CA HIS A 980 0.04 15.11 -6.15
C HIS A 980 1.34 15.61 -6.70
N ARG A 981 2.04 16.46 -5.96
CA ARG A 981 3.37 16.93 -6.39
C ARG A 981 4.37 16.37 -5.41
N THR A 982 5.34 15.59 -5.90
CA THR A 982 6.35 15.00 -5.01
C THR A 982 7.46 16.05 -4.90
N ASN A 983 8.57 15.73 -4.23
CA ASN A 983 9.65 16.73 -4.19
C ASN A 983 10.92 15.97 -4.66
N LEU A 984 11.53 16.48 -5.72
CA LEU A 984 12.70 15.86 -6.28
C LEU A 984 13.93 16.67 -6.00
N MET A 985 15.05 16.00 -5.78
CA MET A 985 16.28 16.78 -5.52
C MET A 985 16.77 17.61 -6.68
N GLN A 986 17.28 18.81 -6.35
CA GLN A 986 17.88 19.78 -7.29
C GLN A 986 19.30 19.28 -7.38
N CYS A 987 19.72 18.77 -8.54
CA CYS A 987 21.09 18.24 -8.61
C CYS A 987 21.83 18.90 -9.74
N GLY A 988 21.31 20.03 -10.19
CA GLY A 988 22.01 20.73 -11.24
C GLY A 988 21.51 20.58 -12.65
N THR A 989 20.51 19.74 -12.90
CA THR A 989 20.02 19.67 -14.29
C THR A 989 18.84 20.61 -14.47
N PRO A 990 19.01 21.58 -15.40
CA PRO A 990 18.02 22.63 -15.74
C PRO A 990 16.60 22.14 -16.03
N GLU A 991 16.46 20.93 -16.57
CA GLU A 991 15.15 20.30 -16.92
C GLU A 991 13.79 21.06 -17.04
N GLU A 992 13.71 22.23 -17.69
CA GLU A 992 12.41 22.93 -17.76
C GLU A 992 11.51 22.59 -18.94
N HIS A 993 10.99 23.64 -19.58
CA HIS A 993 10.10 23.52 -20.77
C HIS A 993 8.82 22.71 -20.52
N THR A 994 8.02 23.10 -19.52
CA THR A 994 6.77 22.36 -19.30
C THR A 994 5.55 23.30 -19.18
N GLN A 995 4.38 22.74 -19.42
CA GLN A 995 3.21 23.55 -19.34
C GLN A 995 2.42 23.40 -18.07
N LYS A 996 1.79 24.49 -17.72
CA LYS A 996 0.96 24.49 -16.55
C LYS A 996 -0.20 23.52 -16.80
N LEU A 997 -0.44 22.67 -15.81
CA LEU A 997 -1.57 21.76 -15.94
C LEU A 997 -2.73 22.34 -15.12
N ASP A 998 -3.83 22.62 -15.81
CA ASP A 998 -5.03 23.11 -15.16
C ASP A 998 -6.03 22.00 -15.39
N VAL A 999 -6.23 21.16 -14.38
CA VAL A 999 -7.17 20.07 -14.60
C VAL A 999 -8.59 20.50 -14.85
N CYS A 1000 -8.95 21.69 -14.37
CA CYS A 1000 -10.32 22.13 -14.54
C CYS A 1000 -10.66 22.39 -16.02
N HIS A 1001 -9.63 22.59 -16.84
CA HIS A 1001 -9.91 22.81 -18.26
C HIS A 1001 -9.56 21.58 -19.15
N LEU A 1002 -9.37 20.39 -18.55
CA LEU A 1002 -9.09 19.19 -19.36
C LEU A 1002 -10.35 18.75 -20.11
N LEU A 1003 -11.53 18.99 -19.57
CA LEU A 1003 -12.75 18.67 -20.29
C LEU A 1003 -13.38 20.01 -20.74
N PRO A 1004 -14.04 20.02 -21.91
CA PRO A 1004 -14.61 21.29 -22.34
C PRO A 1004 -15.85 21.74 -21.59
N ASN A 1005 -16.23 22.98 -21.90
CA ASN A 1005 -17.46 23.58 -21.36
C ASN A 1005 -17.47 23.63 -19.85
N VAL A 1006 -16.35 23.97 -19.26
CA VAL A 1006 -16.30 24.01 -17.82
C VAL A 1006 -17.10 25.24 -17.36
N ALA A 1007 -17.86 25.10 -16.31
CA ALA A 1007 -18.68 26.16 -15.77
C ALA A 1007 -18.29 26.49 -14.35
N ARG A 1008 -17.53 25.61 -13.69
CA ARG A 1008 -17.14 25.89 -12.31
C ARG A 1008 -15.95 25.01 -11.96
N CYS A 1009 -15.09 25.50 -11.09
CA CYS A 1009 -13.92 24.70 -10.64
C CYS A 1009 -13.80 24.91 -9.14
N GLU A 1010 -13.75 23.81 -8.38
CA GLU A 1010 -13.67 23.88 -6.93
C GLU A 1010 -12.52 23.03 -6.36
N ARG A 1011 -11.90 23.54 -5.32
CA ARG A 1011 -10.92 22.73 -4.63
C ARG A 1011 -11.77 21.99 -3.57
N THR A 1012 -11.54 20.67 -3.43
CA THR A 1012 -12.31 19.88 -2.49
C THR A 1012 -11.38 19.06 -1.56
N THR A 1013 -11.97 18.44 -0.56
CA THR A 1013 -11.23 17.53 0.23
C THR A 1013 -10.81 16.41 -0.75
N LEU A 1014 -9.84 15.59 -0.34
CA LEU A 1014 -9.34 14.52 -1.25
C LEU A 1014 -10.32 13.43 -1.60
N THR A 1015 -11.40 13.29 -0.84
CA THR A 1015 -12.44 12.35 -1.11
C THR A 1015 -13.52 12.95 -2.05
N PHE A 1016 -13.35 14.22 -2.42
CA PHE A 1016 -14.29 14.98 -3.26
C PHE A 1016 -15.60 15.31 -2.56
N LEU A 1017 -15.70 15.04 -1.26
CA LEU A 1017 -16.96 15.26 -0.55
C LEU A 1017 -17.26 16.60 -0.05
N GLN A 1018 -16.27 17.48 0.07
CA GLN A 1018 -16.60 18.80 0.57
C GLN A 1018 -15.90 19.86 -0.26
N ASN A 1019 -16.64 20.88 -0.68
CA ASN A 1019 -16.02 21.97 -1.45
C ASN A 1019 -15.30 22.88 -0.51
N LEU A 1020 -14.07 23.24 -0.82
CA LEU A 1020 -13.33 24.04 0.09
C LEU A 1020 -13.07 25.41 -0.54
N GLU A 1021 -13.05 25.47 -1.85
CA GLU A 1021 -12.75 26.76 -2.45
C GLU A 1021 -13.32 26.88 -3.82
N HIS A 1022 -13.99 28.00 -4.08
CA HIS A 1022 -14.54 28.24 -5.40
C HIS A 1022 -13.42 28.94 -6.18
N LEU A 1023 -13.01 28.37 -7.29
CA LEU A 1023 -11.86 28.90 -7.96
C LEU A 1023 -12.04 29.89 -9.09
N ASP A 1024 -11.31 30.99 -8.96
CA ASP A 1024 -11.37 32.07 -9.94
C ASP A 1024 -10.94 31.69 -11.31
N GLY A 1025 -11.76 32.07 -12.28
CA GLY A 1025 -11.42 31.81 -13.65
C GLY A 1025 -11.52 30.35 -13.94
N MET A 1026 -12.05 29.61 -12.98
CA MET A 1026 -12.21 28.16 -13.14
C MET A 1026 -10.84 27.53 -13.39
N VAL A 1027 -9.83 28.05 -12.72
CA VAL A 1027 -8.49 27.52 -12.89
C VAL A 1027 -8.00 26.82 -11.64
N ALA A 1028 -7.53 25.58 -11.82
CA ALA A 1028 -7.02 24.81 -10.69
C ALA A 1028 -5.56 25.07 -10.59
N PRO A 1029 -5.17 25.76 -9.54
CA PRO A 1029 -3.73 26.04 -9.37
C PRO A 1029 -2.94 24.71 -9.16
N GLU A 1030 -1.66 24.65 -9.48
CA GLU A 1030 -0.95 23.40 -9.21
C GLU A 1030 -0.54 23.50 -7.73
N VAL A 1031 -0.22 22.35 -7.18
CA VAL A 1031 0.15 22.23 -5.81
C VAL A 1031 1.64 22.34 -5.53
N CYS A 1032 1.95 22.58 -4.28
CA CYS A 1032 3.32 22.67 -3.78
C CYS A 1032 3.98 21.29 -3.64
N PRO A 1033 5.32 21.24 -3.57
CA PRO A 1033 6.06 19.99 -3.41
C PRO A 1033 5.57 19.35 -2.10
N MET A 1034 5.36 18.06 -2.22
CA MET A 1034 4.86 17.16 -1.19
C MET A 1034 3.40 17.45 -0.80
N GLU A 1035 2.70 18.27 -1.56
CA GLU A 1035 1.29 18.50 -1.29
C GLU A 1035 0.39 17.72 -2.24
N THR A 1036 -0.85 17.50 -1.81
CA THR A 1036 -1.82 16.79 -2.62
C THR A 1036 -3.09 17.60 -2.52
N ALA A 1037 -3.76 17.82 -3.64
CA ALA A 1037 -4.99 18.61 -3.60
C ALA A 1037 -6.00 17.95 -4.48
N ALA A 1038 -7.28 18.23 -4.27
CA ALA A 1038 -8.28 17.63 -5.13
C ALA A 1038 -9.09 18.75 -5.74
N TYR A 1039 -9.51 18.58 -6.97
CA TYR A 1039 -10.32 19.58 -7.63
C TYR A 1039 -11.44 18.89 -8.32
N VAL A 1040 -12.57 19.60 -8.45
CA VAL A 1040 -13.70 19.04 -9.19
C VAL A 1040 -14.12 20.11 -10.22
N SER A 1041 -14.19 19.73 -11.48
CA SER A 1041 -14.64 20.66 -12.52
C SER A 1041 -16.05 20.25 -12.84
N SER A 1042 -16.90 21.24 -13.10
CA SER A 1042 -18.34 21.06 -13.43
C SER A 1042 -18.49 21.52 -14.89
N HIS A 1043 -19.26 20.76 -15.64
CA HIS A 1043 -19.42 21.06 -17.10
C HIS A 1043 -20.84 21.08 -17.49
N SER A 1044 -21.18 22.06 -18.31
CA SER A 1044 -22.54 22.18 -18.70
C SER A 1044 -22.89 21.26 -19.83
C1 NAG B . -27.90 16.01 6.10
C2 NAG B . -29.39 16.42 6.16
C3 NAG B . -29.51 17.93 6.18
C4 NAG B . -28.72 18.49 7.36
C5 NAG B . -27.26 18.06 7.18
C6 NAG B . -26.37 18.55 8.29
C7 NAG B . -29.89 16.37 3.78
C8 NAG B . -30.63 17.66 3.38
N2 NAG B . -30.11 15.87 5.02
O3 NAG B . -30.87 18.30 6.27
O4 NAG B . -28.85 19.91 7.40
O5 NAG B . -27.16 16.60 7.17
O6 NAG B . -26.90 18.16 9.56
O7 NAG B . -29.15 15.81 2.95
ZN ZN C . -7.96 -6.74 12.89
O4 AOL D . -8.38 -8.43 14.32
C4 AOL D . -7.61 -9.58 14.07
C3 AOL D . -6.72 -9.63 12.82
O3 AOL D . -6.71 -8.35 12.22
C2 AOL D . -5.39 -10.24 13.27
O2 AOL D . -4.33 -10.09 12.36
C1 AOL D . -5.20 -9.60 14.64
O1 AOL D . -4.60 -8.32 14.61
C5 AOL D . -6.62 -9.71 15.23
N5 AOL D . -6.62 -8.65 16.25
C1 MPD E . 2.41 -10.11 27.02
C2 MPD E . 2.48 -9.08 28.18
O2 MPD E . 3.63 -9.38 28.98
CM MPD E . 2.65 -7.67 27.65
C3 MPD E . 1.32 -9.17 29.21
C4 MPD E . -0.08 -8.77 28.72
O4 MPD E . -0.80 -8.18 29.83
C5 MPD E . -0.82 -10.04 28.23
#